data_3JQA
#
_entry.id   3JQA
#
_cell.length_a   74.997
_cell.length_b   90.834
_cell.length_c   82.640
_cell.angle_alpha   90.000
_cell.angle_beta   115.500
_cell.angle_gamma   90.000
#
_symmetry.space_group_name_H-M   'P 1 21 1'
#
loop_
_entity.id
_entity.type
_entity.pdbx_description
1 polymer 'Pteridine reductase 1'
2 polymer 'Pteridine reductase 1'
3 polymer 'Pteridine reductase 1'
4 non-polymer 'NADP NICOTINAMIDE-ADENINE-DINUCLEOTIDE PHOSPHATE'
5 non-polymer 2-amino-1,9-dihydro-6H-purine-6-thione
6 water water
#
loop_
_entity_poly.entity_id
_entity_poly.type
_entity_poly.pdbx_seq_one_letter_code
_entity_poly.pdbx_strand_id
1 'polypeptide(L)'
;MGSSHHHHHHSSGLVPRGSHMEAPAAVVTGAAKRIGRAIAVKLHQTGYRVVIHYHNSAEAAVSLADELNKERSNTAVVCQ
ADLTNSNVLPASCEEIINSCFRAFGRCDVLVNNASAFYPTPLVQGDHEDNSNGKTVETQVAELIGTNAIAPFLLTMSFAQ
RQKGTNPNCTSSNLSIVNLCDAMVDQPCMAFSLYNMGKHALVGLTQSAALELAPYGIRVNGVAPGVSLLPVAMGEEEKDK
WRRKVPLGRREASAEQIADAVIFLVSGSAQYITGSIIKVDGGLSLVHA
;
A
2 'polypeptide(L)'
;MGSSHHHHHHSSGLVPRGSHMEAPAAVVTGAAKRIGRAIAVKLHQTGYRVVIHYHNSAEAAVSLADELNKERSNTAVV
(CSX)QADLTNSNVLPASCEEIINSCFRAFGRCDVLVNNASAFYPTPLVQGDHEDNSNGKTVETQVAELIGTNAIAPFLL
TMSFAQRQKGTNPNCTSSNLSIVNLCDAMVDQPCMAFSLYNMGKHALVGLTQSAALELAPYGIRVNGVAPGVSLLPVAMG
EEEKDKWRRKVPLGRREASAEQIADAVIFLVSGSAQYITGSIIKVDGGLSLVHA
;
B,C
3 'polypeptide(L)'
;MGSSHHHHHHSSGLVPRGSHMEAPAAVVTGAAKRIGRAIAVKLHQTGYRVVIHYHNSAEAAVSLADELNKERSNTAVV
(CSX)QADLTNSNVLPASCEEIINSCFRAFGRCDVLVNNASAFYPTPLVQGDHEDNSNGKTVETQVAELIGTNAIAPFLL
TMSFAQRQKGTNPNCTSSNLSIVNLCDAMVDQP(CSX)MAFSLYNMGKHALVGLTQSAALELAPYGIRVNGVAPGVSLLP
VAMGEEEKDKWRRKVPLGRREASAEQIADAVIFLVSGSAQYITGSIIKVDGGLSLVHA
;
D
#
loop_
_chem_comp.id
_chem_comp.type
_chem_comp.name
_chem_comp.formula
DX4 non-polymer 2-amino-1,9-dihydro-6H-purine-6-thione 'C5 H5 N5 S'
NAP non-polymer 'NADP NICOTINAMIDE-ADENINE-DINUCLEOTIDE PHOSPHATE' 'C21 H28 N7 O17 P3'
#
# COMPACT_ATOMS: atom_id res chain seq x y z
N GLU A 22 -37.94 17.37 -2.30
CA GLU A 22 -36.89 18.08 -1.51
C GLU A 22 -35.48 17.76 -2.03
N ALA A 23 -34.66 18.79 -2.20
CA ALA A 23 -33.29 18.63 -2.66
C ALA A 23 -32.44 18.21 -1.46
N PRO A 24 -31.38 17.42 -1.69
CA PRO A 24 -30.51 16.98 -0.60
C PRO A 24 -29.59 18.12 -0.21
N ALA A 25 -28.88 17.98 0.93
CA ALA A 25 -28.09 19.07 1.49
C ALA A 25 -26.67 18.59 1.81
N ALA A 26 -25.68 19.48 1.62
CA ALA A 26 -24.28 19.14 1.85
C ALA A 26 -23.60 20.18 2.74
N VAL A 27 -22.71 19.73 3.63
CA VAL A 27 -21.74 20.59 4.32
C VAL A 27 -20.39 20.46 3.64
N VAL A 28 -19.77 21.58 3.29
CA VAL A 28 -18.41 21.60 2.76
C VAL A 28 -17.55 22.49 3.69
N THR A 29 -16.48 21.92 4.25
CA THR A 29 -15.60 22.68 5.15
C THR A 29 -14.54 23.43 4.34
N GLY A 30 -14.13 24.59 4.84
CA GLY A 30 -13.23 25.49 4.10
C GLY A 30 -13.65 25.76 2.67
N ALA A 31 -14.90 26.14 2.51
CA ALA A 31 -15.53 26.22 1.19
C ALA A 31 -15.50 27.63 0.55
N ALA A 32 -14.83 28.60 1.18
CA ALA A 32 -14.89 29.97 0.69
C ALA A 32 -14.10 30.20 -0.61
N LYS A 33 -13.00 29.48 -0.79
CA LYS A 33 -12.15 29.67 -1.96
CA LYS A 33 -12.08 29.67 -1.91
C LYS A 33 -11.55 28.37 -2.46
N ARG A 34 -10.82 28.46 -3.57
CA ARG A 34 -10.02 27.36 -4.09
C ARG A 34 -10.82 26.05 -4.22
N ILE A 35 -10.26 24.92 -3.81
CA ILE A 35 -10.90 23.60 -4.07
C ILE A 35 -12.26 23.44 -3.37
N GLY A 36 -12.38 23.96 -2.17
CA GLY A 36 -13.62 23.87 -1.40
C GLY A 36 -14.75 24.61 -2.07
N ARG A 37 -14.48 25.79 -2.60
CA ARG A 37 -15.47 26.52 -3.38
C ARG A 37 -15.87 25.72 -4.63
N ALA A 38 -14.90 25.09 -5.31
CA ALA A 38 -15.22 24.38 -6.55
C ALA A 38 -16.16 23.20 -6.24
N ILE A 39 -15.89 22.53 -5.13
CA ILE A 39 -16.73 21.40 -4.66
C ILE A 39 -18.15 21.93 -4.34
N ALA A 40 -18.20 23.03 -3.59
CA ALA A 40 -19.50 23.61 -3.21
C ALA A 40 -20.30 24.00 -4.45
N VAL A 41 -19.64 24.67 -5.41
CA VAL A 41 -20.29 25.10 -6.63
C VAL A 41 -20.82 23.92 -7.44
N LYS A 42 -20.02 22.87 -7.59
CA LYS A 42 -20.41 21.70 -8.38
C LYS A 42 -21.56 20.90 -7.73
N LEU A 43 -21.54 20.82 -6.41
CA LEU A 43 -22.64 20.20 -5.67
C LEU A 43 -23.91 21.00 -5.86
N HIS A 44 -23.78 22.33 -5.83
CA HIS A 44 -24.92 23.21 -6.02
C HIS A 44 -25.46 23.08 -7.46
N GLN A 45 -24.58 23.04 -8.45
CA GLN A 45 -24.99 22.82 -9.85
C GLN A 45 -25.72 21.47 -10.06
N THR A 46 -25.38 20.48 -9.25
CA THR A 46 -26.00 19.15 -9.30
C THR A 46 -27.34 19.13 -8.58
N GLY A 47 -27.64 20.18 -7.81
CA GLY A 47 -28.94 20.33 -7.16
C GLY A 47 -28.96 20.27 -5.66
N TYR A 48 -27.79 20.19 -5.03
CA TYR A 48 -27.67 20.25 -3.57
C TYR A 48 -27.85 21.65 -3.03
N ARG A 49 -28.43 21.72 -1.84
CA ARG A 49 -28.32 22.90 -0.99
C ARG A 49 -27.00 22.78 -0.19
N VAL A 50 -26.33 23.90 0.10
CA VAL A 50 -24.98 23.84 0.67
C VAL A 50 -24.75 24.75 1.88
N VAL A 51 -24.03 24.22 2.88
CA VAL A 51 -23.45 25.01 3.96
C VAL A 51 -22.00 25.24 3.60
N ILE A 52 -21.68 26.52 3.39
CA ILE A 52 -20.31 26.98 3.10
C ILE A 52 -19.63 27.30 4.44
N HIS A 53 -18.84 26.35 4.96
CA HIS A 53 -18.10 26.62 6.19
C HIS A 53 -16.85 27.43 5.85
N TYR A 54 -16.47 28.31 6.76
CA TYR A 54 -15.25 29.10 6.61
C TYR A 54 -14.67 29.44 7.97
N HIS A 55 -13.44 29.94 7.95
CA HIS A 55 -12.75 30.31 9.18
C HIS A 55 -12.48 31.81 9.14
N ASN A 56 -11.51 32.25 8.36
CA ASN A 56 -11.13 33.66 8.26
C ASN A 56 -11.70 34.37 7.02
N SER A 57 -12.05 33.63 5.97
CA SER A 57 -12.45 34.25 4.68
C SER A 57 -13.96 34.55 4.59
N ALA A 58 -14.40 35.48 5.42
CA ALA A 58 -15.81 35.86 5.53
C ALA A 58 -16.36 36.51 4.28
N GLU A 59 -15.59 37.43 3.70
CA GLU A 59 -16.00 38.17 2.51
C GLU A 59 -16.19 37.22 1.32
N ALA A 60 -15.23 36.33 1.10
CA ALA A 60 -15.32 35.35 0.01
C ALA A 60 -16.47 34.36 0.22
N ALA A 61 -16.70 33.96 1.47
CA ALA A 61 -17.79 33.02 1.84
C ALA A 61 -19.17 33.61 1.54
N VAL A 62 -19.41 34.83 2.01
CA VAL A 62 -20.68 35.53 1.79
C VAL A 62 -20.90 35.86 0.31
N SER A 63 -19.82 36.19 -0.39
CA SER A 63 -19.87 36.41 -1.84
C SER A 63 -20.32 35.14 -2.59
N LEU A 64 -19.75 34.00 -2.21
CA LEU A 64 -20.12 32.73 -2.81
C LEU A 64 -21.58 32.36 -2.53
N ALA A 65 -21.98 32.47 -1.26
CA ALA A 65 -23.37 32.23 -0.87
C ALA A 65 -24.32 33.10 -1.68
N ASP A 66 -23.95 34.37 -1.86
CA ASP A 66 -24.75 35.32 -2.67
C ASP A 66 -24.91 34.88 -4.13
N GLU A 67 -23.83 34.46 -4.78
CA GLU A 67 -23.92 33.96 -6.16
C GLU A 67 -24.83 32.72 -6.28
N LEU A 68 -24.73 31.80 -5.32
CA LEU A 68 -25.52 30.57 -5.35
C LEU A 68 -27.01 30.82 -5.08
N ASN A 69 -27.29 31.72 -4.15
CA ASN A 69 -28.66 32.08 -3.81
C ASN A 69 -29.38 32.85 -4.92
N LYS A 70 -28.64 33.62 -5.70
CA LYS A 70 -29.24 34.29 -6.87
C LYS A 70 -29.52 33.31 -8.01
N GLU A 71 -28.83 32.17 -8.03
CA GLU A 71 -29.14 31.11 -8.99
C GLU A 71 -30.39 30.32 -8.56
N ARG A 72 -30.46 29.97 -7.27
CA ARG A 72 -31.64 29.33 -6.67
C ARG A 72 -31.84 29.89 -5.25
N SER A 73 -32.94 30.60 -5.03
CA SER A 73 -33.24 31.20 -3.72
C SER A 73 -33.18 30.20 -2.54
N ASN A 74 -32.61 30.65 -1.42
CA ASN A 74 -32.48 29.86 -0.18
C ASN A 74 -31.85 28.49 -0.32
N THR A 75 -30.78 28.41 -1.11
CA THR A 75 -30.05 27.15 -1.26
C THR A 75 -28.62 27.13 -0.70
N ALA A 76 -28.16 28.26 -0.14
CA ALA A 76 -26.80 28.38 0.43
C ALA A 76 -26.76 29.24 1.71
N VAL A 77 -26.09 28.73 2.74
CA VAL A 77 -25.82 29.47 3.96
C VAL A 77 -24.33 29.37 4.27
N VAL A 78 -23.82 30.34 5.05
CA VAL A 78 -22.45 30.29 5.54
C VAL A 78 -22.42 29.91 7.01
N CYS A 79 -21.27 29.41 7.46
CA CYS A 79 -21.12 28.98 8.85
C CYS A 79 -19.66 29.07 9.28
N GLN A 80 -19.38 29.95 10.23
CA GLN A 80 -18.00 30.21 10.64
C GLN A 80 -17.60 29.27 11.76
N ALA A 81 -16.39 28.71 11.67
CA ALA A 81 -15.85 27.94 12.80
C ALA A 81 -14.36 27.67 12.64
N ASP A 82 -13.65 27.80 13.75
CA ASP A 82 -12.24 27.41 13.86
C ASP A 82 -12.21 25.91 14.15
N LEU A 83 -11.47 25.17 13.33
CA LEU A 83 -11.37 23.71 13.47
C LEU A 83 -10.05 23.26 14.09
N THR A 84 -9.36 24.17 14.79
CA THR A 84 -8.19 23.83 15.59
C THR A 84 -8.64 22.91 16.73
N ASN A 85 -7.78 21.96 17.11
CA ASN A 85 -8.10 21.10 18.26
C ASN A 85 -8.18 21.92 19.55
N SER A 86 -9.21 21.65 20.34
CA SER A 86 -9.39 22.29 21.62
C SER A 86 -10.45 21.48 22.38
N ASN A 87 -10.70 21.79 23.64
CA ASN A 87 -11.79 21.09 24.34
C ASN A 87 -13.21 21.48 23.85
N VAL A 88 -13.34 22.57 23.09
CA VAL A 88 -14.62 22.98 22.50
C VAL A 88 -14.83 22.53 21.03
N LEU A 89 -13.81 21.96 20.42
CA LEU A 89 -13.95 21.52 19.04
C LEU A 89 -15.14 20.56 18.84
N PRO A 90 -15.38 19.62 19.77
CA PRO A 90 -16.57 18.77 19.59
C PRO A 90 -17.90 19.53 19.46
N ALA A 91 -18.08 20.55 20.30
CA ALA A 91 -19.27 21.41 20.21
C ALA A 91 -19.33 22.19 18.90
N SER A 92 -18.19 22.70 18.42
CA SER A 92 -18.14 23.41 17.12
C SER A 92 -18.53 22.52 15.93
N CYS A 93 -18.02 21.29 15.92
CA CYS A 93 -18.34 20.35 14.86
C CYS A 93 -19.82 19.96 14.90
N GLU A 94 -20.33 19.72 16.10
CA GLU A 94 -21.75 19.46 16.30
C GLU A 94 -22.60 20.61 15.73
N GLU A 95 -22.17 21.85 15.98
CA GLU A 95 -22.92 23.02 15.52
C GLU A 95 -22.88 23.18 14.00
N ILE A 96 -21.77 22.82 13.37
CA ILE A 96 -21.68 22.80 11.91
C ILE A 96 -22.77 21.88 11.31
N ILE A 97 -22.86 20.66 11.81
CA ILE A 97 -23.87 19.74 11.31
C ILE A 97 -25.25 20.28 11.68
N ASN A 98 -25.41 20.77 12.90
CA ASN A 98 -26.69 21.35 13.31
C ASN A 98 -27.14 22.49 12.38
N SER A 99 -26.21 23.30 11.86
CA SER A 99 -26.55 24.41 10.96
CA SER A 99 -26.56 24.40 10.98
C SER A 99 -27.18 23.93 9.65
N CYS A 100 -26.73 22.79 9.15
CA CYS A 100 -27.28 22.21 7.93
C CYS A 100 -28.74 21.76 8.16
N PHE A 101 -29.00 21.08 9.28
CA PHE A 101 -30.37 20.68 9.64
C PHE A 101 -31.32 21.86 9.92
N ARG A 102 -30.78 22.94 10.51
CA ARG A 102 -31.54 24.15 10.78
C ARG A 102 -31.92 24.88 9.48
N ALA A 103 -30.97 24.96 8.55
CA ALA A 103 -31.20 25.65 7.27
C ALA A 103 -32.11 24.84 6.34
N PHE A 104 -31.84 23.53 6.25
CA PHE A 104 -32.41 22.67 5.18
C PHE A 104 -33.18 21.39 5.61
N GLY A 105 -33.15 21.05 6.89
CA GLY A 105 -33.97 19.95 7.40
C GLY A 105 -33.37 18.57 7.24
N ARG A 106 -32.15 18.51 6.69
CA ARG A 106 -31.50 17.24 6.45
C ARG A 106 -30.04 17.50 6.18
N CYS A 107 -29.22 16.45 6.21
CA CYS A 107 -27.83 16.57 5.87
C CYS A 107 -27.38 15.24 5.27
N ASP A 108 -27.20 15.23 3.94
CA ASP A 108 -26.95 14.02 3.16
C ASP A 108 -25.47 13.75 2.90
N VAL A 109 -24.69 14.82 2.76
CA VAL A 109 -23.31 14.73 2.36
C VAL A 109 -22.45 15.64 3.24
N LEU A 110 -21.29 15.11 3.67
CA LEU A 110 -20.25 15.89 4.33
C LEU A 110 -18.95 15.80 3.57
N VAL A 111 -18.36 16.95 3.26
CA VAL A 111 -17.07 17.00 2.58
C VAL A 111 -16.07 17.65 3.52
N ASN A 112 -15.07 16.86 3.96
CA ASN A 112 -14.03 17.36 4.86
C ASN A 112 -12.84 17.88 4.02
N ASN A 113 -12.86 19.17 3.75
CA ASN A 113 -11.90 19.85 2.87
C ASN A 113 -10.95 20.79 3.60
N ALA A 114 -11.41 21.45 4.66
CA ALA A 114 -10.58 22.44 5.39
C ALA A 114 -9.27 21.82 5.86
N SER A 115 -8.18 22.58 5.76
CA SER A 115 -6.86 22.05 6.05
C SER A 115 -5.85 23.16 6.31
N ALA A 116 -5.14 23.08 7.44
CA ALA A 116 -3.92 23.86 7.68
C ALA A 116 -2.74 23.17 6.99
N PHE A 117 -1.81 23.96 6.44
CA PHE A 117 -0.73 23.39 5.65
C PHE A 117 0.47 24.33 5.75
N TYR A 118 1.52 23.90 6.46
CA TYR A 118 2.75 24.68 6.58
C TYR A 118 3.81 23.78 7.24
N PRO A 119 5.10 24.09 7.03
CA PRO A 119 6.16 23.22 7.56
C PRO A 119 6.34 23.24 9.09
N THR A 120 6.85 22.13 9.60
CA THR A 120 7.13 21.95 11.02
C THR A 120 8.43 21.14 11.11
N PRO A 121 9.57 21.80 10.82
CA PRO A 121 10.91 21.18 10.86
C PRO A 121 11.18 20.43 12.18
N LEU A 122 11.71 19.21 12.10
CA LEU A 122 12.09 18.46 13.31
C LEU A 122 13.32 19.04 14.03
N VAL A 123 14.28 19.59 13.27
CA VAL A 123 15.47 20.22 13.86
C VAL A 123 15.56 21.69 13.48
N GLY A 133 6.81 33.38 15.72
CA GLY A 133 6.29 32.09 15.24
C GLY A 133 5.40 31.38 16.25
N LYS A 134 4.66 30.38 15.75
CA LYS A 134 3.72 29.59 16.57
C LYS A 134 4.43 28.62 17.51
N THR A 135 3.83 28.37 18.68
CA THR A 135 4.34 27.34 19.57
C THR A 135 4.08 25.97 18.94
N VAL A 136 4.84 24.95 19.37
CA VAL A 136 4.64 23.60 18.85
C VAL A 136 3.24 23.11 19.22
N GLU A 137 2.74 23.48 20.42
CA GLU A 137 1.43 23.04 20.83
CA GLU A 137 1.39 23.13 20.88
C GLU A 137 0.33 23.62 19.91
N THR A 138 0.53 24.85 19.43
CA THR A 138 -0.40 25.45 18.44
C THR A 138 -0.30 24.78 17.05
N GLN A 139 0.91 24.44 16.64
CA GLN A 139 1.12 23.74 15.38
C GLN A 139 0.43 22.36 15.40
N VAL A 140 0.57 21.64 16.50
CA VAL A 140 -0.09 20.33 16.67
C VAL A 140 -1.60 20.52 16.60
N ALA A 141 -2.11 21.50 17.35
CA ALA A 141 -3.54 21.76 17.42
C ALA A 141 -4.19 22.06 16.04
N GLU A 142 -3.54 22.91 15.24
CA GLU A 142 -4.02 23.31 13.91
C GLU A 142 -3.84 22.21 12.86
N LEU A 143 -2.65 21.61 12.80
CA LEU A 143 -2.34 20.68 11.70
C LEU A 143 -3.03 19.35 11.93
N ILE A 144 -3.07 18.89 13.17
CA ILE A 144 -3.77 17.63 13.49
C ILE A 144 -5.29 17.88 13.72
N GLY A 145 -5.65 19.02 14.30
CA GLY A 145 -7.08 19.44 14.40
C GLY A 145 -7.81 19.54 13.08
N THR A 146 -7.30 20.37 12.17
CA THR A 146 -7.97 20.58 10.90
C THR A 146 -7.96 19.34 10.03
N ASN A 147 -6.84 18.64 10.02
CA ASN A 147 -6.70 17.57 9.03
C ASN A 147 -7.25 16.23 9.48
N ALA A 148 -7.44 16.03 10.79
CA ALA A 148 -7.82 14.72 11.31
C ALA A 148 -8.90 14.74 12.42
N ILE A 149 -8.71 15.51 13.49
CA ILE A 149 -9.61 15.46 14.63
CA ILE A 149 -9.63 15.46 14.62
C ILE A 149 -10.99 16.07 14.28
N ALA A 150 -11.00 17.20 13.62
CA ALA A 150 -12.28 17.78 13.18
C ALA A 150 -13.03 16.85 12.19
N PRO A 151 -12.35 16.31 11.13
CA PRO A 151 -13.04 15.26 10.35
C PRO A 151 -13.67 14.13 11.17
N PHE A 152 -12.97 13.66 12.21
CA PHE A 152 -13.48 12.61 13.09
C PHE A 152 -14.75 13.08 13.85
N LEU A 153 -14.68 14.25 14.47
CA LEU A 153 -15.79 14.80 15.23
C LEU A 153 -17.01 15.16 14.35
N LEU A 154 -16.76 15.73 13.18
CA LEU A 154 -17.82 15.99 12.20
C LEU A 154 -18.49 14.69 11.69
N THR A 155 -17.71 13.63 11.57
CA THR A 155 -18.21 12.32 11.14
C THR A 155 -19.10 11.75 12.24
N MET A 156 -18.65 11.81 13.48
CA MET A 156 -19.47 11.44 14.65
CA MET A 156 -19.45 11.42 14.64
C MET A 156 -20.81 12.18 14.65
N SER A 157 -20.76 13.49 14.56
CA SER A 157 -21.98 14.31 14.60
C SER A 157 -22.93 14.04 13.41
N PHE A 158 -22.35 13.88 12.23
CA PHE A 158 -23.11 13.60 11.00
C PHE A 158 -23.86 12.29 11.17
N ALA A 159 -23.17 11.27 11.67
CA ALA A 159 -23.78 9.94 11.80
C ALA A 159 -24.83 9.93 12.91
N GLN A 160 -24.56 10.61 14.01
CA GLN A 160 -25.50 10.55 15.13
C GLN A 160 -26.80 11.30 14.84
N ARG A 161 -26.76 12.27 13.94
CA ARG A 161 -27.96 12.99 13.51
C ARG A 161 -28.87 12.22 12.54
N GLN A 162 -28.33 11.18 11.86
CA GLN A 162 -29.13 10.44 10.85
C GLN A 162 -30.07 9.44 11.50
N SER A 172 -32.45 7.57 -0.23
CA SER A 172 -31.38 8.14 0.60
C SER A 172 -30.00 7.71 0.11
N ASN A 173 -29.09 8.66 0.00
CA ASN A 173 -27.74 8.36 -0.44
C ASN A 173 -26.77 9.19 0.41
N LEU A 174 -26.57 8.73 1.64
CA LEU A 174 -25.67 9.38 2.60
C LEU A 174 -24.19 9.04 2.36
N SER A 175 -23.35 10.08 2.23
CA SER A 175 -21.91 9.82 2.15
C SER A 175 -21.01 10.94 2.70
N ILE A 176 -19.77 10.57 3.02
CA ILE A 176 -18.75 11.52 3.49
C ILE A 176 -17.58 11.39 2.53
N VAL A 177 -16.99 12.52 2.11
CA VAL A 177 -15.80 12.52 1.30
C VAL A 177 -14.71 13.33 2.00
N ASN A 178 -13.57 12.69 2.20
CA ASN A 178 -12.43 13.32 2.86
C ASN A 178 -11.39 13.72 1.81
N LEU A 179 -10.91 14.95 1.86
CA LEU A 179 -9.83 15.39 0.95
C LEU A 179 -8.47 14.98 1.55
N CYS A 180 -7.82 14.02 0.90
CA CYS A 180 -6.61 13.36 1.38
C CYS A 180 -5.42 13.98 0.59
N ASP A 181 -4.35 13.22 0.37
CA ASP A 181 -3.17 13.74 -0.34
C ASP A 181 -2.49 12.55 -1.02
N ALA A 182 -2.34 12.65 -2.34
CA ALA A 182 -1.77 11.55 -3.14
C ALA A 182 -0.30 11.29 -2.81
N MET A 183 0.37 12.30 -2.28
CA MET A 183 1.79 12.21 -1.96
C MET A 183 2.05 11.87 -0.49
N VAL A 184 1.08 11.26 0.21
CA VAL A 184 1.25 10.95 1.64
C VAL A 184 2.45 10.02 1.93
N ASP A 185 2.78 9.11 1.01
CA ASP A 185 3.94 8.22 1.19
C ASP A 185 5.23 8.74 0.55
N GLN A 186 5.16 9.92 -0.06
CA GLN A 186 6.35 10.57 -0.61
C GLN A 186 6.30 12.03 -0.20
N PRO A 187 6.44 12.29 1.11
CA PRO A 187 6.09 13.59 1.64
C PRO A 187 7.10 14.70 1.36
N CYS A 188 6.63 15.94 1.37
CA CYS A 188 7.49 17.12 1.38
C CYS A 188 8.37 17.16 2.63
N MET A 189 9.63 17.50 2.41
CA MET A 189 10.59 17.68 3.49
C MET A 189 10.07 18.69 4.53
N ALA A 190 10.21 18.34 5.81
CA ALA A 190 9.88 19.24 6.93
C ALA A 190 8.37 19.47 7.16
N PHE A 191 7.52 18.62 6.59
CA PHE A 191 6.09 18.72 6.80
C PHE A 191 5.54 17.55 7.65
N SER A 192 6.25 17.15 8.71
CA SER A 192 5.88 15.96 9.48
CA SER A 192 5.87 15.96 9.49
C SER A 192 4.45 16.01 10.03
N LEU A 193 4.09 17.09 10.71
CA LEU A 193 2.75 17.15 11.33
C LEU A 193 1.62 17.17 10.32
N TYR A 194 1.79 17.90 9.22
CA TYR A 194 0.80 17.85 8.13
C TYR A 194 0.66 16.42 7.56
N ASN A 195 1.78 15.74 7.38
CA ASN A 195 1.79 14.38 6.85
C ASN A 195 1.13 13.42 7.84
N MET A 196 1.45 13.57 9.13
CA MET A 196 0.78 12.80 10.18
C MET A 196 -0.74 12.94 10.14
N GLY A 197 -1.20 14.17 9.99
CA GLY A 197 -2.64 14.49 9.89
C GLY A 197 -3.35 13.86 8.70
N LYS A 198 -2.76 13.98 7.52
CA LYS A 198 -3.30 13.31 6.34
C LYS A 198 -3.28 11.79 6.39
N HIS A 199 -2.23 11.19 6.99
CA HIS A 199 -2.24 9.73 7.20
C HIS A 199 -3.37 9.33 8.16
N ALA A 200 -3.52 10.11 9.23
CA ALA A 200 -4.65 9.88 10.18
C ALA A 200 -5.99 9.97 9.47
N LEU A 201 -6.10 10.86 8.50
CA LEU A 201 -7.36 11.00 7.71
C LEU A 201 -7.64 9.76 6.86
N VAL A 202 -6.58 9.15 6.31
CA VAL A 202 -6.74 7.88 5.64
C VAL A 202 -7.29 6.81 6.59
N GLY A 203 -6.71 6.71 7.77
CA GLY A 203 -7.22 5.82 8.80
C GLY A 203 -8.68 6.05 9.17
N LEU A 204 -9.07 7.32 9.36
CA LEU A 204 -10.48 7.64 9.61
C LEU A 204 -11.39 7.16 8.47
N THR A 205 -10.98 7.43 7.23
CA THR A 205 -11.78 7.08 6.05
C THR A 205 -12.08 5.58 6.06
N GLN A 206 -11.07 4.76 6.39
CA GLN A 206 -11.23 3.31 6.42
C GLN A 206 -12.01 2.81 7.65
N SER A 207 -11.65 3.31 8.85
CA SER A 207 -12.37 2.96 10.08
C SER A 207 -13.84 3.39 10.03
N ALA A 208 -14.10 4.60 9.56
CA ALA A 208 -15.49 5.13 9.46
C ALA A 208 -16.30 4.39 8.36
N ALA A 209 -15.66 4.02 7.25
CA ALA A 209 -16.33 3.22 6.21
C ALA A 209 -16.84 1.91 6.80
N LEU A 210 -15.97 1.23 7.55
CA LEU A 210 -16.30 -0.06 8.16
CA LEU A 210 -16.29 -0.06 8.15
C LEU A 210 -17.40 0.08 9.18
N GLU A 211 -17.32 1.10 10.04
CA GLU A 211 -18.29 1.21 11.15
C GLU A 211 -19.65 1.80 10.75
N LEU A 212 -19.66 2.66 9.75
CA LEU A 212 -20.90 3.33 9.30
C LEU A 212 -21.59 2.61 8.14
N ALA A 213 -20.97 1.57 7.59
CA ALA A 213 -21.58 0.81 6.50
C ALA A 213 -22.94 0.21 6.87
N PRO A 214 -23.08 -0.39 8.07
CA PRO A 214 -24.39 -0.87 8.56
C PRO A 214 -25.53 0.17 8.56
N TYR A 215 -25.17 1.45 8.64
CA TYR A 215 -26.14 2.56 8.63
C TYR A 215 -26.34 3.13 7.22
N GLY A 216 -25.68 2.52 6.21
CA GLY A 216 -25.82 2.95 4.84
C GLY A 216 -25.05 4.21 4.53
N ILE A 217 -24.15 4.63 5.42
CA ILE A 217 -23.28 5.79 5.15
C ILE A 217 -21.95 5.35 4.53
N ARG A 218 -21.68 5.82 3.32
CA ARG A 218 -20.43 5.50 2.62
C ARG A 218 -19.41 6.57 2.98
N VAL A 219 -18.14 6.16 3.10
CA VAL A 219 -17.08 7.07 3.44
C VAL A 219 -15.90 6.84 2.49
N ASN A 220 -15.51 7.87 1.75
CA ASN A 220 -14.46 7.75 0.74
C ASN A 220 -13.56 8.98 0.76
N GLY A 221 -12.48 8.89 -0.01
CA GLY A 221 -11.48 9.94 -0.11
C GLY A 221 -11.16 10.33 -1.53
N VAL A 222 -10.75 11.59 -1.71
CA VAL A 222 -10.20 12.07 -2.96
C VAL A 222 -8.84 12.65 -2.63
N ALA A 223 -7.82 12.19 -3.36
CA ALA A 223 -6.42 12.47 -3.07
C ALA A 223 -5.77 13.30 -4.21
N PRO A 224 -5.78 14.64 -4.09
CA PRO A 224 -5.06 15.46 -5.08
C PRO A 224 -3.55 15.24 -5.01
N GLY A 225 -2.87 15.45 -6.13
CA GLY A 225 -1.42 15.54 -6.13
C GLY A 225 -0.98 17.00 -6.05
N VAL A 226 -0.71 17.61 -7.20
CA VAL A 226 -0.61 19.06 -7.23
C VAL A 226 -1.85 19.60 -7.94
N SER A 227 -2.65 20.34 -7.21
CA SER A 227 -3.74 21.09 -7.79
C SER A 227 -3.37 22.55 -7.62
N LEU A 228 -4.31 23.37 -7.17
CA LEU A 228 -4.01 24.79 -7.03
C LEU A 228 -2.81 25.01 -6.11
N LEU A 229 -1.77 25.66 -6.64
CA LEU A 229 -0.56 25.90 -5.87
C LEU A 229 -0.83 27.00 -4.83
N PRO A 230 0.00 27.05 -3.77
CA PRO A 230 -0.12 28.08 -2.74
C PRO A 230 0.00 29.48 -3.31
N VAL A 231 -0.83 30.41 -2.83
CA VAL A 231 -0.81 31.78 -3.30
C VAL A 231 0.56 32.45 -3.08
N ALA A 232 1.21 32.12 -1.98
CA ALA A 232 2.52 32.73 -1.65
C ALA A 232 3.65 32.18 -2.52
N MET A 233 3.39 31.12 -3.27
CA MET A 233 4.43 30.49 -4.10
C MET A 233 4.72 31.31 -5.35
N GLY A 234 6.01 31.51 -5.64
CA GLY A 234 6.46 32.23 -6.83
C GLY A 234 6.29 31.37 -8.07
N GLU A 235 6.17 32.02 -9.22
CA GLU A 235 5.87 31.33 -10.48
C GLU A 235 6.95 30.32 -10.87
N GLU A 236 8.20 30.65 -10.58
CA GLU A 236 9.32 29.74 -10.86
C GLU A 236 9.18 28.42 -10.07
N GLU A 237 8.85 28.54 -8.78
CA GLU A 237 8.62 27.36 -7.93
C GLU A 237 7.41 26.53 -8.40
N LYS A 238 6.31 27.21 -8.73
CA LYS A 238 5.13 26.57 -9.34
C LYS A 238 5.46 25.76 -10.60
N ASP A 239 6.18 26.37 -11.53
CA ASP A 239 6.64 25.69 -12.75
C ASP A 239 7.47 24.44 -12.47
N LYS A 240 8.27 24.47 -11.41
CA LYS A 240 9.07 23.33 -11.00
C LYS A 240 8.17 22.12 -10.72
N TRP A 241 7.09 22.39 -10.00
CA TRP A 241 6.13 21.36 -9.63
C TRP A 241 5.33 20.89 -10.83
N ARG A 242 4.90 21.84 -11.64
CA ARG A 242 4.16 21.53 -12.86
C ARG A 242 4.89 20.57 -13.78
N ARG A 243 6.17 20.82 -14.01
CA ARG A 243 6.98 19.98 -14.91
C ARG A 243 7.20 18.53 -14.41
N LYS A 244 6.89 18.26 -13.15
CA LYS A 244 6.93 16.90 -12.58
C LYS A 244 5.75 15.99 -12.97
N VAL A 245 4.62 16.57 -13.38
CA VAL A 245 3.37 15.83 -13.61
C VAL A 245 3.38 15.18 -15.01
N PRO A 246 3.36 13.83 -15.09
CA PRO A 246 3.36 13.14 -16.39
C PRO A 246 2.23 13.52 -17.36
N LEU A 247 1.02 13.62 -16.84
CA LEU A 247 -0.15 13.91 -17.66
C LEU A 247 -0.36 15.42 -17.82
N GLY A 248 0.33 15.99 -18.82
CA GLY A 248 0.15 17.38 -19.24
C GLY A 248 1.09 18.41 -18.66
N ARG A 249 2.00 17.99 -17.77
CA ARG A 249 2.94 18.92 -17.11
C ARG A 249 2.23 20.14 -16.57
N ARG A 250 1.15 19.91 -15.84
CA ARG A 250 0.34 20.96 -15.27
C ARG A 250 -0.44 20.44 -14.06
N GLU A 251 -0.84 21.37 -13.19
CA GLU A 251 -1.60 21.05 -11.99
C GLU A 251 -3.05 20.75 -12.34
N ALA A 252 -3.73 20.01 -11.45
CA ALA A 252 -5.17 19.79 -11.58
C ALA A 252 -5.92 21.11 -11.35
N SER A 253 -6.94 21.36 -12.16
CA SER A 253 -7.87 22.44 -11.86
C SER A 253 -8.70 22.03 -10.65
N ALA A 254 -9.26 23.04 -9.99
CA ALA A 254 -10.10 22.79 -8.84
C ALA A 254 -11.35 22.02 -9.32
N GLU A 255 -11.79 22.27 -10.55
CA GLU A 255 -12.93 21.54 -11.11
C GLU A 255 -12.67 20.02 -11.23
N GLN A 256 -11.45 19.67 -11.64
CA GLN A 256 -11.06 18.27 -11.76
C GLN A 256 -11.12 17.50 -10.43
N ILE A 257 -10.70 18.14 -9.36
CA ILE A 257 -10.82 17.54 -8.03
C ILE A 257 -12.30 17.39 -7.69
N ALA A 258 -13.07 18.47 -7.92
CA ALA A 258 -14.50 18.46 -7.60
C ALA A 258 -15.28 17.38 -8.38
N ASP A 259 -14.90 17.13 -9.64
CA ASP A 259 -15.48 16.01 -10.43
C ASP A 259 -15.43 14.66 -9.72
N ALA A 260 -14.29 14.33 -9.11
CA ALA A 260 -14.13 13.07 -8.40
C ALA A 260 -15.01 13.02 -7.14
N VAL A 261 -15.10 14.14 -6.43
CA VAL A 261 -16.03 14.25 -5.28
C VAL A 261 -17.48 14.02 -5.74
N ILE A 262 -17.89 14.65 -6.85
CA ILE A 262 -19.27 14.48 -7.38
C ILE A 262 -19.59 13.00 -7.73
N PHE A 263 -18.65 12.35 -8.39
CA PHE A 263 -18.79 10.92 -8.66
C PHE A 263 -19.04 10.11 -7.38
N LEU A 264 -18.21 10.33 -6.37
CA LEU A 264 -18.31 9.54 -5.13
C LEU A 264 -19.61 9.78 -4.36
N VAL A 265 -20.18 10.98 -4.42
CA VAL A 265 -21.47 11.20 -3.78
C VAL A 265 -22.67 10.70 -4.63
N SER A 266 -22.44 10.46 -5.92
CA SER A 266 -23.51 10.09 -6.86
C SER A 266 -24.01 8.64 -6.70
N GLY A 267 -25.15 8.34 -7.30
CA GLY A 267 -25.63 6.95 -7.41
C GLY A 267 -24.76 6.02 -8.27
N SER A 268 -23.85 6.56 -9.06
CA SER A 268 -22.87 5.75 -9.76
C SER A 268 -21.79 5.11 -8.87
N ALA A 269 -21.74 5.47 -7.58
CA ALA A 269 -20.73 4.99 -6.62
C ALA A 269 -21.40 4.34 -5.40
N GLN A 270 -22.63 3.85 -5.59
CA GLN A 270 -23.45 3.29 -4.50
C GLN A 270 -22.84 2.09 -3.78
N TYR A 271 -21.92 1.36 -4.41
CA TYR A 271 -21.22 0.23 -3.76
C TYR A 271 -19.79 0.58 -3.30
N ILE A 272 -19.34 1.82 -3.55
CA ILE A 272 -18.02 2.25 -3.17
C ILE A 272 -18.00 2.86 -1.76
N THR A 273 -17.21 2.23 -0.89
CA THR A 273 -16.94 2.74 0.44
C THR A 273 -15.53 2.31 0.88
N GLY A 274 -14.83 3.20 1.57
CA GLY A 274 -13.48 2.96 2.03
C GLY A 274 -12.45 3.11 0.93
N SER A 275 -12.83 3.72 -0.19
CA SER A 275 -11.91 3.88 -1.33
C SER A 275 -11.35 5.29 -1.38
N ILE A 276 -10.12 5.42 -1.84
CA ILE A 276 -9.48 6.71 -2.02
C ILE A 276 -9.06 6.85 -3.47
N ILE A 277 -9.64 7.82 -4.18
CA ILE A 277 -9.38 8.05 -5.58
C ILE A 277 -8.27 9.13 -5.73
N LYS A 278 -7.11 8.75 -6.25
CA LYS A 278 -6.01 9.69 -6.58
C LYS A 278 -6.41 10.46 -7.80
N VAL A 279 -6.23 11.78 -7.75
CA VAL A 279 -6.48 12.66 -8.88
C VAL A 279 -5.19 13.52 -9.05
N ASP A 280 -4.16 12.87 -9.59
CA ASP A 280 -2.79 13.39 -9.52
C ASP A 280 -1.99 13.41 -10.83
N GLY A 281 -2.63 13.08 -11.94
CA GLY A 281 -1.95 13.08 -13.23
C GLY A 281 -0.73 12.19 -13.27
N GLY A 282 -0.68 11.16 -12.41
CA GLY A 282 0.47 10.27 -12.39
C GLY A 282 1.64 10.68 -11.51
N LEU A 283 1.53 11.82 -10.82
CA LEU A 283 2.65 12.38 -10.05
C LEU A 283 3.23 11.37 -9.02
N SER A 284 2.35 10.66 -8.30
CA SER A 284 2.75 9.72 -7.24
C SER A 284 3.56 8.53 -7.77
N LEU A 285 3.50 8.31 -9.08
CA LEU A 285 4.21 7.22 -9.75
C LEU A 285 5.63 7.58 -10.17
N VAL A 286 6.01 8.86 -10.05
CA VAL A 286 7.29 9.32 -10.57
C VAL A 286 8.41 9.17 -9.51
N HIS A 287 9.47 8.44 -9.83
CA HIS A 287 10.58 8.28 -8.88
C HIS A 287 11.40 9.57 -8.73
N ALA A 288 12.24 9.62 -7.70
CA ALA A 288 13.16 10.73 -7.46
C ALA A 288 14.07 10.96 -8.66
N GLU B 22 -17.55 11.91 -35.26
CA GLU B 22 -18.30 10.62 -35.15
CA GLU B 22 -18.24 10.58 -35.17
C GLU B 22 -18.12 9.99 -33.75
N ALA B 23 -18.73 8.83 -33.53
CA ALA B 23 -18.74 8.21 -32.22
C ALA B 23 -17.41 7.53 -31.88
N PRO B 24 -16.99 7.60 -30.61
CA PRO B 24 -15.78 6.89 -30.23
C PRO B 24 -15.99 5.36 -30.25
N ALA B 25 -14.89 4.60 -30.14
CA ALA B 25 -14.93 3.14 -30.18
C ALA B 25 -14.13 2.51 -29.01
N ALA B 26 -14.64 1.40 -28.47
CA ALA B 26 -14.03 0.70 -27.33
C ALA B 26 -13.88 -0.78 -27.63
N VAL B 27 -12.75 -1.36 -27.22
CA VAL B 27 -12.57 -2.80 -27.20
C VAL B 27 -12.81 -3.24 -25.77
N VAL B 28 -13.66 -4.25 -25.59
CA VAL B 28 -13.83 -4.86 -24.28
C VAL B 28 -13.53 -6.37 -24.37
N THR B 29 -12.55 -6.84 -23.60
CA THR B 29 -12.20 -8.28 -23.65
C THR B 29 -13.13 -9.10 -22.72
N GLY B 30 -13.41 -10.35 -23.11
CA GLY B 30 -14.30 -11.22 -22.37
C GLY B 30 -15.65 -10.56 -22.13
N ALA B 31 -16.24 -10.02 -23.18
CA ALA B 31 -17.48 -9.20 -23.07
C ALA B 31 -18.80 -9.95 -23.28
N ALA B 32 -18.78 -11.27 -23.48
CA ALA B 32 -20.03 -11.98 -23.81
C ALA B 32 -21.00 -12.11 -22.63
N LYS B 33 -20.47 -12.11 -21.41
CA LYS B 33 -21.25 -12.46 -20.22
C LYS B 33 -20.84 -11.62 -19.03
N ARG B 34 -21.68 -11.66 -18.00
CA ARG B 34 -21.33 -11.17 -16.66
C ARG B 34 -20.77 -9.74 -16.66
N ILE B 35 -19.60 -9.49 -16.06
CA ILE B 35 -19.14 -8.12 -15.88
C ILE B 35 -18.78 -7.45 -17.24
N GLY B 36 -18.07 -8.18 -18.10
CA GLY B 36 -17.65 -7.63 -19.40
C GLY B 36 -18.83 -7.22 -20.29
N ARG B 37 -19.90 -8.01 -20.23
CA ARG B 37 -21.14 -7.71 -20.93
C ARG B 37 -21.79 -6.42 -20.44
N ALA B 38 -21.83 -6.23 -19.11
CA ALA B 38 -22.38 -5.01 -18.52
C ALA B 38 -21.55 -3.77 -18.90
N ILE B 39 -20.24 -3.92 -18.90
CA ILE B 39 -19.33 -2.87 -19.34
C ILE B 39 -19.61 -2.52 -20.83
N ALA B 40 -19.69 -3.52 -21.68
CA ALA B 40 -19.95 -3.26 -23.09
C ALA B 40 -21.32 -2.55 -23.29
N VAL B 41 -22.35 -3.01 -22.58
CA VAL B 41 -23.69 -2.41 -22.69
C VAL B 41 -23.66 -0.92 -22.25
N LYS B 42 -23.01 -0.62 -21.13
CA LYS B 42 -22.94 0.75 -20.63
C LYS B 42 -22.13 1.68 -21.51
N LEU B 43 -21.03 1.17 -22.03
CA LEU B 43 -20.24 1.93 -23.01
C LEU B 43 -21.12 2.24 -24.22
N HIS B 44 -21.84 1.24 -24.73
CA HIS B 44 -22.70 1.44 -25.91
C HIS B 44 -23.84 2.45 -25.61
N GLN B 45 -24.45 2.34 -24.43
CA GLN B 45 -25.48 3.28 -24.01
C GLN B 45 -24.94 4.71 -23.89
N THR B 46 -23.66 4.86 -23.55
CA THR B 46 -23.01 6.18 -23.49
C THR B 46 -22.63 6.75 -24.85
N GLY B 47 -22.71 5.93 -25.91
CA GLY B 47 -22.46 6.40 -27.27
C GLY B 47 -21.25 5.79 -27.96
N TYR B 48 -20.58 4.83 -27.31
CA TYR B 48 -19.48 4.10 -27.93
C TYR B 48 -19.95 3.03 -28.91
N ARG B 49 -19.17 2.87 -29.99
CA ARG B 49 -19.19 1.66 -30.80
C ARG B 49 -18.26 0.64 -30.13
N VAL B 50 -18.59 -0.65 -30.20
CA VAL B 50 -17.89 -1.63 -29.37
CA VAL B 50 -17.92 -1.64 -29.36
C VAL B 50 -17.45 -2.88 -30.13
N VAL B 51 -16.23 -3.33 -29.81
CA VAL B 51 -15.75 -4.66 -30.21
C VAL B 51 -15.96 -5.57 -28.99
N ILE B 52 -16.81 -6.59 -29.17
CA ILE B 52 -17.12 -7.57 -28.16
C ILE B 52 -16.18 -8.78 -28.33
N HIS B 53 -15.10 -8.85 -27.55
CA HIS B 53 -14.19 -10.00 -27.64
C HIS B 53 -14.75 -11.18 -26.84
N TYR B 54 -14.55 -12.38 -27.35
CA TYR B 54 -14.95 -13.60 -26.63
C TYR B 54 -13.93 -14.72 -26.92
N HIS B 55 -13.94 -15.76 -26.09
CA HIS B 55 -13.12 -16.96 -26.34
C HIS B 55 -14.00 -18.16 -26.72
N ASN B 56 -14.73 -18.71 -25.74
CA ASN B 56 -15.66 -19.81 -25.97
C ASN B 56 -17.14 -19.45 -26.10
N SER B 57 -17.57 -18.27 -25.65
CA SER B 57 -19.00 -17.96 -25.58
C SER B 57 -19.55 -17.24 -26.83
N ALA B 58 -19.54 -17.96 -27.95
CA ALA B 58 -19.86 -17.35 -29.25
C ALA B 58 -21.32 -16.90 -29.34
N GLU B 59 -22.23 -17.75 -28.88
CA GLU B 59 -23.66 -17.47 -28.92
C GLU B 59 -24.05 -16.27 -28.07
N ALA B 60 -23.45 -16.15 -26.89
CA ALA B 60 -23.70 -15.02 -26.01
C ALA B 60 -23.13 -13.74 -26.61
N ALA B 61 -21.93 -13.81 -27.18
CA ALA B 61 -21.28 -12.63 -27.85
C ALA B 61 -22.12 -12.10 -29.03
N VAL B 62 -22.59 -13.03 -29.85
CA VAL B 62 -23.40 -12.68 -31.02
C VAL B 62 -24.78 -12.10 -30.61
N SER B 63 -25.43 -12.71 -29.62
CA SER B 63 -26.71 -12.22 -29.15
CA SER B 63 -26.70 -12.23 -29.09
C SER B 63 -26.58 -10.81 -28.55
N LEU B 64 -25.44 -10.51 -27.91
CA LEU B 64 -25.19 -9.15 -27.42
C LEU B 64 -25.03 -8.17 -28.59
N ALA B 65 -24.21 -8.55 -29.57
CA ALA B 65 -23.99 -7.74 -30.77
C ALA B 65 -25.29 -7.41 -31.50
N ASP B 66 -26.15 -8.42 -31.66
CA ASP B 66 -27.42 -8.23 -32.32
C ASP B 66 -28.34 -7.27 -31.54
N GLU B 67 -28.37 -7.42 -30.21
CA GLU B 67 -29.14 -6.53 -29.34
C GLU B 67 -28.68 -5.08 -29.47
N LEU B 68 -27.37 -4.86 -29.46
CA LEU B 68 -26.80 -3.51 -29.59
C LEU B 68 -27.00 -2.90 -30.99
N ASN B 69 -26.82 -3.70 -32.04
CA ASN B 69 -27.06 -3.21 -33.41
C ASN B 69 -28.52 -2.89 -33.72
N LYS B 70 -29.42 -3.54 -32.99
CA LYS B 70 -30.84 -3.25 -33.08
C LYS B 70 -31.08 -1.84 -32.56
N GLU B 71 -30.35 -1.45 -31.52
CA GLU B 71 -30.44 -0.10 -30.98
C GLU B 71 -29.82 0.95 -31.93
N ARG B 72 -28.61 0.70 -32.42
CA ARG B 72 -27.97 1.55 -33.43
C ARG B 72 -27.21 0.69 -34.42
N SER B 73 -27.55 0.82 -35.70
CA SER B 73 -26.97 -0.02 -36.73
C SER B 73 -25.47 0.18 -36.84
N ASN B 74 -24.78 -0.96 -37.03
CA ASN B 74 -23.34 -0.98 -37.29
CA ASN B 74 -23.34 -1.01 -37.28
C ASN B 74 -22.54 -0.34 -36.18
N THR B 75 -22.90 -0.66 -34.93
CA THR B 75 -22.16 -0.14 -33.79
C THR B 75 -21.53 -1.22 -32.92
N ALA B 76 -21.73 -2.49 -33.26
CA ALA B 76 -21.16 -3.60 -32.50
C ALA B 76 -20.71 -4.75 -33.40
N VAL B 77 -19.50 -5.23 -33.14
CA VAL B 77 -18.93 -6.40 -33.83
C VAL B 77 -18.33 -7.33 -32.80
N VAL B 78 -18.17 -8.61 -33.15
CA VAL B 78 -17.54 -9.56 -32.26
C VAL B 78 -16.14 -9.95 -32.76
N CSX B 79 -15.31 -10.43 -31.84
CA CSX B 79 -13.96 -10.85 -32.18
CB CSX B 79 -13.06 -9.61 -32.01
SG CSX B 79 -11.39 -10.00 -32.50
C CSX B 79 -13.52 -12.00 -31.31
O CSX B 79 -13.34 -11.82 -30.12
OD CSX B 79 -11.05 -10.05 -34.26
N GLN B 80 -13.34 -13.18 -31.91
CA GLN B 80 -12.87 -14.36 -31.17
C GLN B 80 -11.36 -14.43 -31.05
N ALA B 81 -10.87 -14.71 -29.83
CA ALA B 81 -9.43 -14.96 -29.58
C ALA B 81 -9.20 -15.64 -28.25
N ASP B 82 -8.26 -16.58 -28.22
CA ASP B 82 -7.72 -17.17 -27.00
C ASP B 82 -6.60 -16.25 -26.52
N LEU B 83 -6.64 -15.88 -25.25
CA LEU B 83 -5.67 -14.92 -24.68
C LEU B 83 -4.66 -15.64 -23.77
N THR B 84 -4.60 -16.97 -23.85
CA THR B 84 -3.57 -17.77 -23.18
C THR B 84 -2.18 -17.41 -23.69
N ASN B 85 -1.18 -17.42 -22.81
CA ASN B 85 0.19 -17.10 -23.23
C ASN B 85 0.69 -18.12 -24.24
N SER B 86 1.27 -17.66 -25.34
CA SER B 86 1.82 -18.53 -26.38
C SER B 86 2.67 -17.69 -27.33
N ASN B 87 3.32 -18.36 -28.27
CA ASN B 87 4.08 -17.69 -29.34
C ASN B 87 3.23 -16.83 -30.26
N VAL B 88 1.94 -17.14 -30.36
CA VAL B 88 1.03 -16.41 -31.25
C VAL B 88 0.22 -15.31 -30.53
N LEU B 89 0.39 -15.20 -29.21
CA LEU B 89 -0.39 -14.22 -28.45
C LEU B 89 -0.20 -12.78 -28.92
N PRO B 90 1.06 -12.34 -29.14
CA PRO B 90 1.24 -10.98 -29.67
C PRO B 90 0.46 -10.72 -30.97
N ALA B 91 0.48 -11.66 -31.92
CA ALA B 91 -0.27 -11.48 -33.17
C ALA B 91 -1.78 -11.40 -32.92
N SER B 92 -2.28 -12.26 -32.01
CA SER B 92 -3.70 -12.23 -31.64
C SER B 92 -4.11 -10.88 -31.06
N CYS B 93 -3.31 -10.35 -30.13
CA CYS B 93 -3.61 -9.06 -29.53
C CYS B 93 -3.58 -7.91 -30.55
N GLU B 94 -2.61 -7.91 -31.44
CA GLU B 94 -2.60 -6.97 -32.57
C GLU B 94 -3.86 -7.05 -33.45
N GLU B 95 -4.36 -8.26 -33.67
CA GLU B 95 -5.55 -8.43 -34.51
C GLU B 95 -6.84 -7.93 -33.84
N ILE B 96 -6.94 -8.05 -32.52
CA ILE B 96 -8.08 -7.50 -31.75
C ILE B 96 -8.15 -5.97 -31.89
N ILE B 97 -7.01 -5.31 -31.74
CA ILE B 97 -6.95 -3.85 -31.83
C ILE B 97 -7.24 -3.44 -33.27
N ASN B 98 -6.61 -4.14 -34.20
CA ASN B 98 -6.82 -3.91 -35.63
C ASN B 98 -8.30 -4.08 -36.03
N SER B 99 -9.03 -4.99 -35.37
CA SER B 99 -10.45 -5.23 -35.69
CA SER B 99 -10.45 -5.23 -35.69
C SER B 99 -11.29 -4.01 -35.36
N CYS B 100 -10.93 -3.32 -34.27
CA CYS B 100 -11.59 -2.06 -33.91
C CYS B 100 -11.36 -0.98 -34.96
N PHE B 101 -10.12 -0.84 -35.43
CA PHE B 101 -9.81 0.11 -36.52
C PHE B 101 -10.50 -0.23 -37.85
N ARG B 102 -10.59 -1.50 -38.20
CA ARG B 102 -11.26 -1.87 -39.46
C ARG B 102 -12.75 -1.63 -39.40
N ALA B 103 -13.36 -1.92 -38.26
CA ALA B 103 -14.78 -1.75 -38.10
C ALA B 103 -15.14 -0.28 -37.99
N PHE B 104 -14.41 0.49 -37.18
CA PHE B 104 -14.85 1.83 -36.78
C PHE B 104 -13.89 2.97 -37.11
N GLY B 105 -12.69 2.66 -37.62
CA GLY B 105 -11.74 3.68 -38.06
C GLY B 105 -10.99 4.37 -36.94
N ARG B 106 -11.13 3.87 -35.72
CA ARG B 106 -10.50 4.45 -34.53
C ARG B 106 -10.62 3.48 -33.37
N CYS B 107 -9.88 3.72 -32.30
CA CYS B 107 -9.96 2.95 -31.07
C CYS B 107 -9.59 3.87 -29.92
N ASP B 108 -10.58 4.29 -29.15
CA ASP B 108 -10.42 5.26 -28.07
C ASP B 108 -10.27 4.64 -26.68
N VAL B 109 -10.89 3.49 -26.47
CA VAL B 109 -10.93 2.84 -25.14
C VAL B 109 -10.63 1.34 -25.27
N LEU B 110 -9.75 0.85 -24.39
CA LEU B 110 -9.49 -0.56 -24.18
C LEU B 110 -9.84 -0.94 -22.74
N VAL B 111 -10.70 -1.94 -22.58
CA VAL B 111 -11.01 -2.50 -21.27
C VAL B 111 -10.51 -3.96 -21.20
N ASN B 112 -9.50 -4.19 -20.35
CA ASN B 112 -8.95 -5.52 -20.12
C ASN B 112 -9.71 -6.23 -18.99
N ASN B 113 -10.71 -7.02 -19.41
CA ASN B 113 -11.63 -7.69 -18.51
C ASN B 113 -11.49 -9.21 -18.47
N ALA B 114 -11.18 -9.83 -19.60
CA ALA B 114 -11.10 -11.29 -19.71
C ALA B 114 -10.14 -11.85 -18.66
N SER B 115 -10.47 -13.01 -18.10
CA SER B 115 -9.74 -13.52 -16.97
C SER B 115 -10.02 -14.99 -16.69
N ALA B 116 -8.96 -15.80 -16.66
CA ALA B 116 -9.02 -17.16 -16.12
C ALA B 116 -8.87 -17.13 -14.61
N PHE B 117 -9.62 -17.99 -13.92
CA PHE B 117 -9.70 -17.95 -12.47
C PHE B 117 -10.01 -19.35 -11.97
N TYR B 118 -9.03 -19.98 -11.32
CA TYR B 118 -9.19 -21.29 -10.67
C TYR B 118 -7.97 -21.54 -9.78
N PRO B 119 -8.07 -22.46 -8.80
CA PRO B 119 -6.96 -22.70 -7.86
C PRO B 119 -5.78 -23.43 -8.48
N THR B 120 -4.61 -23.13 -7.94
CA THR B 120 -3.36 -23.78 -8.33
C THR B 120 -2.54 -24.05 -7.05
N PRO B 121 -2.94 -25.09 -6.29
CA PRO B 121 -2.27 -25.34 -5.02
C PRO B 121 -0.77 -25.58 -5.19
N LEU B 122 0.01 -25.09 -4.23
CA LEU B 122 1.45 -25.29 -4.21
C LEU B 122 1.84 -26.72 -3.87
N VAL B 123 1.07 -27.37 -3.00
CA VAL B 123 1.37 -28.76 -2.61
C VAL B 123 0.19 -29.73 -2.80
N GLY B 133 -7.14 -31.56 -14.43
CA GLY B 133 -6.01 -32.32 -14.97
C GLY B 133 -5.09 -31.50 -15.88
N LYS B 134 -5.03 -30.18 -15.66
CA LYS B 134 -4.15 -29.31 -16.44
C LYS B 134 -2.71 -29.41 -15.96
N THR B 135 -1.76 -29.42 -16.89
CA THR B 135 -0.35 -29.38 -16.51
C THR B 135 -0.07 -27.99 -15.90
N VAL B 136 0.95 -27.90 -15.05
CA VAL B 136 1.30 -26.59 -14.46
C VAL B 136 1.72 -25.55 -15.52
N GLU B 137 2.39 -25.99 -16.58
CA GLU B 137 2.76 -25.06 -17.67
C GLU B 137 1.53 -24.43 -18.35
N THR B 138 0.46 -25.22 -18.48
CA THR B 138 -0.84 -24.75 -18.97
C THR B 138 -1.55 -23.79 -18.01
N GLN B 139 -1.51 -24.10 -16.71
CA GLN B 139 -2.06 -23.19 -15.70
C GLN B 139 -1.32 -21.83 -15.73
N VAL B 140 0.00 -21.90 -15.85
CA VAL B 140 0.81 -20.67 -15.97
C VAL B 140 0.36 -19.84 -17.20
N ALA B 141 0.30 -20.51 -18.35
CA ALA B 141 -0.07 -19.88 -19.60
C ALA B 141 -1.42 -19.20 -19.52
N GLU B 142 -2.39 -19.86 -18.92
CA GLU B 142 -3.76 -19.35 -18.88
C GLU B 142 -3.95 -18.23 -17.87
N LEU B 143 -3.51 -18.46 -16.64
CA LEU B 143 -3.73 -17.50 -15.59
C LEU B 143 -2.84 -16.26 -15.75
N ILE B 144 -1.58 -16.45 -16.13
CA ILE B 144 -0.69 -15.30 -16.33
C ILE B 144 -0.94 -14.66 -17.69
N GLY B 145 -1.23 -15.46 -18.70
CA GLY B 145 -1.63 -14.94 -20.01
C GLY B 145 -2.83 -14.02 -20.00
N THR B 146 -3.95 -14.51 -19.49
CA THR B 146 -5.19 -13.75 -19.49
C THR B 146 -5.12 -12.55 -18.61
N ASN B 147 -4.58 -12.71 -17.40
CA ASN B 147 -4.63 -11.64 -16.41
C ASN B 147 -3.56 -10.59 -16.56
N ALA B 148 -2.47 -10.90 -17.26
CA ALA B 148 -1.33 -9.99 -17.29
C ALA B 148 -0.68 -9.79 -18.67
N ILE B 149 -0.32 -10.87 -19.34
CA ILE B 149 0.48 -10.76 -20.55
CA ILE B 149 0.47 -10.76 -20.56
C ILE B 149 -0.36 -10.24 -21.72
N ALA B 150 -1.57 -10.78 -21.89
CA ALA B 150 -2.49 -10.26 -22.92
C ALA B 150 -2.80 -8.76 -22.70
N PRO B 151 -3.23 -8.34 -21.48
CA PRO B 151 -3.32 -6.88 -21.21
C PRO B 151 -2.09 -6.03 -21.61
N PHE B 152 -0.89 -6.51 -21.34
CA PHE B 152 0.34 -5.82 -21.77
C PHE B 152 0.44 -5.71 -23.31
N LEU B 153 0.18 -6.82 -24.00
CA LEU B 153 0.26 -6.87 -25.46
C LEU B 153 -0.82 -6.00 -26.12
N LEU B 154 -2.03 -6.07 -25.59
CA LEU B 154 -3.16 -5.22 -26.04
C LEU B 154 -2.86 -3.72 -25.84
N THR B 155 -2.24 -3.42 -24.71
CA THR B 155 -1.80 -2.06 -24.40
C THR B 155 -0.77 -1.57 -25.41
N MET B 156 0.24 -2.42 -25.73
CA MET B 156 1.28 -2.09 -26.71
CA MET B 156 1.28 -2.05 -26.68
C MET B 156 0.67 -1.76 -28.05
N SER B 157 -0.17 -2.68 -28.53
CA SER B 157 -0.85 -2.55 -29.80
C SER B 157 -1.76 -1.30 -29.84
N PHE B 158 -2.53 -1.10 -28.79
CA PHE B 158 -3.39 0.10 -28.67
C PHE B 158 -2.54 1.37 -28.82
N ALA B 159 -1.42 1.44 -28.11
CA ALA B 159 -0.63 2.70 -28.07
C ALA B 159 0.08 2.95 -29.40
N GLN B 160 0.55 1.86 -30.00
CA GLN B 160 1.29 1.99 -31.27
C GLN B 160 0.39 2.41 -32.43
N ARG B 161 -0.89 2.09 -32.35
CA ARG B 161 -1.87 2.52 -33.36
C ARG B 161 -2.34 3.98 -33.24
N GLN B 162 -2.02 4.68 -32.16
CA GLN B 162 -2.53 6.05 -32.00
C GLN B 162 -1.70 7.07 -32.79
N ASN B 173 -10.22 11.61 -26.09
CA ASN B 173 -10.05 11.15 -24.71
C ASN B 173 -9.68 9.67 -24.72
N LEU B 174 -8.40 9.36 -24.91
CA LEU B 174 -7.93 7.96 -24.97
C LEU B 174 -7.66 7.40 -23.59
N SER B 175 -8.21 6.22 -23.31
CA SER B 175 -7.89 5.56 -22.06
C SER B 175 -8.03 4.03 -22.04
N ILE B 176 -7.33 3.44 -21.08
CA ILE B 176 -7.35 2.01 -20.84
C ILE B 176 -7.83 1.78 -19.41
N VAL B 177 -8.67 0.78 -19.23
CA VAL B 177 -9.13 0.38 -17.90
C VAL B 177 -8.89 -1.11 -17.71
N ASN B 178 -8.14 -1.46 -16.68
CA ASN B 178 -7.89 -2.86 -16.31
C ASN B 178 -8.74 -3.29 -15.13
N LEU B 179 -9.33 -4.47 -15.25
CA LEU B 179 -10.10 -5.07 -14.15
C LEU B 179 -9.17 -5.84 -13.20
N CYS B 180 -9.00 -5.30 -12.00
CA CYS B 180 -8.06 -5.80 -11.00
C CYS B 180 -8.84 -6.59 -9.98
N ASP B 181 -8.38 -6.62 -8.73
CA ASP B 181 -9.06 -7.37 -7.69
C ASP B 181 -8.79 -6.65 -6.37
N ALA B 182 -9.86 -6.25 -5.68
CA ALA B 182 -9.73 -5.53 -4.40
C ALA B 182 -9.04 -6.36 -3.31
N MET B 183 -9.12 -7.68 -3.43
CA MET B 183 -8.57 -8.58 -2.45
C MET B 183 -7.16 -9.10 -2.78
N VAL B 184 -6.44 -8.36 -3.61
CA VAL B 184 -5.11 -8.78 -4.09
C VAL B 184 -4.07 -8.97 -2.92
N ASP B 185 -4.23 -8.25 -1.81
CA ASP B 185 -3.31 -8.39 -0.67
C ASP B 185 -3.88 -9.27 0.47
N GLN B 186 -5.05 -9.86 0.23
CA GLN B 186 -5.67 -10.81 1.15
C GLN B 186 -6.25 -11.93 0.30
N PRO B 187 -5.37 -12.69 -0.37
CA PRO B 187 -5.79 -13.59 -1.43
C PRO B 187 -6.51 -14.85 -0.93
N CYS B 188 -7.31 -15.46 -1.80
CA CYS B 188 -7.91 -16.76 -1.51
C CYS B 188 -6.81 -17.80 -1.44
N MET B 189 -6.95 -18.72 -0.50
CA MET B 189 -6.00 -19.79 -0.31
C MET B 189 -5.87 -20.62 -1.59
N ALA B 190 -4.64 -20.89 -2.00
CA ALA B 190 -4.37 -21.79 -3.14
C ALA B 190 -4.61 -21.16 -4.53
N PHE B 191 -4.67 -19.83 -4.59
CA PHE B 191 -4.86 -19.12 -5.85
C PHE B 191 -3.60 -18.32 -6.18
N SER B 192 -2.42 -18.93 -6.02
CA SER B 192 -1.17 -18.20 -6.15
CA SER B 192 -1.14 -18.23 -6.17
C SER B 192 -0.97 -17.63 -7.56
N LEU B 193 -1.20 -18.45 -8.57
CA LEU B 193 -0.97 -17.98 -9.94
C LEU B 193 -1.95 -16.87 -10.35
N TYR B 194 -3.22 -17.05 -9.97
CA TYR B 194 -4.24 -15.99 -10.21
C TYR B 194 -3.84 -14.65 -9.55
N ASN B 195 -3.42 -14.74 -8.28
CA ASN B 195 -2.98 -13.59 -7.50
C ASN B 195 -1.74 -12.92 -8.10
N MET B 196 -0.81 -13.74 -8.55
CA MET B 196 0.36 -13.25 -9.29
C MET B 196 -0.01 -12.46 -10.53
N GLY B 197 -0.95 -13.01 -11.32
CA GLY B 197 -1.46 -12.32 -12.50
C GLY B 197 -2.09 -10.97 -12.19
N LYS B 198 -2.92 -10.95 -11.16
CA LYS B 198 -3.57 -9.73 -10.76
C LYS B 198 -2.60 -8.68 -10.22
N HIS B 199 -1.58 -9.09 -9.45
CA HIS B 199 -0.54 -8.16 -9.00
C HIS B 199 0.24 -7.57 -10.18
N ALA B 200 0.56 -8.42 -11.15
CA ALA B 200 1.27 -7.99 -12.40
C ALA B 200 0.45 -6.96 -13.14
N LEU B 201 -0.86 -7.13 -13.12
CA LEU B 201 -1.79 -6.21 -13.74
C LEU B 201 -1.80 -4.83 -13.06
N VAL B 202 -1.62 -4.81 -11.74
CA VAL B 202 -1.45 -3.54 -11.02
C VAL B 202 -0.18 -2.83 -11.52
N GLY B 203 0.90 -3.59 -11.61
CA GLY B 203 2.17 -3.10 -12.15
C GLY B 203 2.04 -2.53 -13.54
N LEU B 204 1.35 -3.25 -14.42
CA LEU B 204 1.11 -2.75 -15.77
C LEU B 204 0.34 -1.42 -15.74
N THR B 205 -0.70 -1.33 -14.93
CA THR B 205 -1.51 -0.10 -14.84
C THR B 205 -0.63 1.10 -14.48
N GLN B 206 0.24 0.94 -13.48
CA GLN B 206 1.13 2.02 -13.05
C GLN B 206 2.22 2.32 -14.10
N SER B 207 2.88 1.27 -14.60
CA SER B 207 3.96 1.43 -15.59
C SER B 207 3.45 2.05 -16.88
N ALA B 208 2.30 1.58 -17.35
CA ALA B 208 1.73 2.11 -18.59
C ALA B 208 1.20 3.53 -18.39
N ALA B 209 0.62 3.81 -17.21
CA ALA B 209 0.14 5.17 -16.92
C ALA B 209 1.28 6.16 -17.07
N LEU B 210 2.46 5.78 -16.55
CA LEU B 210 3.62 6.66 -16.57
C LEU B 210 4.14 6.85 -18.00
N GLU B 211 4.23 5.75 -18.73
CA GLU B 211 4.86 5.78 -20.06
C GLU B 211 3.98 6.39 -21.16
N LEU B 212 2.67 6.18 -21.08
CA LEU B 212 1.74 6.66 -22.10
C LEU B 212 1.13 8.06 -21.79
N ALA B 213 1.40 8.60 -20.60
CA ALA B 213 0.90 9.93 -20.24
C ALA B 213 1.32 11.04 -21.22
N PRO B 214 2.57 11.00 -21.74
CA PRO B 214 2.95 11.99 -22.77
C PRO B 214 2.17 11.92 -24.08
N TYR B 215 1.56 10.77 -24.39
CA TYR B 215 0.72 10.63 -25.59
C TYR B 215 -0.75 10.94 -25.30
N GLY B 216 -1.05 11.40 -24.08
CA GLY B 216 -2.42 11.69 -23.67
C GLY B 216 -3.27 10.45 -23.38
N ILE B 217 -2.65 9.28 -23.22
CA ILE B 217 -3.40 8.04 -22.91
C ILE B 217 -3.40 7.78 -21.40
N ARG B 218 -4.58 7.76 -20.81
CA ARG B 218 -4.74 7.49 -19.38
C ARG B 218 -4.91 5.99 -19.16
N VAL B 219 -4.36 5.46 -18.05
CA VAL B 219 -4.46 4.04 -17.73
C VAL B 219 -4.83 3.90 -16.26
N ASN B 220 -5.93 3.19 -15.96
CA ASN B 220 -6.48 3.10 -14.61
C ASN B 220 -7.07 1.71 -14.41
N GLY B 221 -7.46 1.43 -13.17
CA GLY B 221 -8.07 0.14 -12.86
C GLY B 221 -9.32 0.25 -12.04
N VAL B 222 -10.15 -0.78 -12.13
CA VAL B 222 -11.33 -0.95 -11.30
C VAL B 222 -11.14 -2.29 -10.62
N ALA B 223 -11.27 -2.31 -9.30
CA ALA B 223 -11.05 -3.49 -8.48
C ALA B 223 -12.30 -3.97 -7.73
N PRO B 224 -13.05 -4.95 -8.30
CA PRO B 224 -14.13 -5.55 -7.55
C PRO B 224 -13.64 -6.34 -6.35
N GLY B 225 -14.49 -6.45 -5.35
CA GLY B 225 -14.28 -7.38 -4.24
C GLY B 225 -15.03 -8.68 -4.50
N VAL B 226 -16.28 -8.74 -4.06
CA VAL B 226 -17.21 -9.80 -4.44
C VAL B 226 -18.27 -9.14 -5.31
N SER B 227 -18.29 -9.55 -6.58
CA SER B 227 -19.33 -9.17 -7.51
C SER B 227 -20.05 -10.48 -7.90
N LEU B 228 -20.42 -10.64 -9.15
CA LEU B 228 -21.17 -11.82 -9.57
C LEU B 228 -20.42 -13.09 -9.15
N LEU B 229 -21.07 -13.90 -8.32
CA LEU B 229 -20.45 -15.13 -7.84
C LEU B 229 -20.48 -16.20 -8.94
N PRO B 230 -19.58 -17.19 -8.88
CA PRO B 230 -19.59 -18.22 -9.94
C PRO B 230 -20.96 -18.86 -10.14
N VAL B 231 -21.23 -19.26 -11.38
CA VAL B 231 -22.53 -19.82 -11.78
C VAL B 231 -22.96 -21.04 -10.96
N ALA B 232 -22.03 -21.96 -10.74
CA ALA B 232 -22.37 -23.25 -10.11
C ALA B 232 -22.52 -23.13 -8.59
N MET B 233 -21.98 -22.06 -8.02
CA MET B 233 -21.83 -21.95 -6.57
C MET B 233 -23.21 -22.08 -5.93
N GLY B 234 -23.32 -22.92 -4.90
CA GLY B 234 -24.56 -23.05 -4.14
C GLY B 234 -24.88 -21.76 -3.39
N GLU B 235 -26.18 -21.47 -3.20
CA GLU B 235 -26.58 -20.23 -2.48
C GLU B 235 -26.00 -20.16 -1.06
N GLU B 236 -25.87 -21.31 -0.40
CA GLU B 236 -25.34 -21.32 0.97
C GLU B 236 -23.86 -20.89 1.02
N GLU B 237 -23.09 -21.22 -0.02
CA GLU B 237 -21.71 -20.74 -0.14
C GLU B 237 -21.65 -19.27 -0.59
N LYS B 238 -22.55 -18.89 -1.51
CA LYS B 238 -22.71 -17.49 -1.90
C LYS B 238 -23.04 -16.59 -0.69
N ASP B 239 -23.85 -17.11 0.22
CA ASP B 239 -24.21 -16.37 1.43
C ASP B 239 -23.07 -16.16 2.41
N LYS B 240 -22.11 -17.08 2.45
CA LYS B 240 -20.94 -16.89 3.30
C LYS B 240 -20.12 -15.68 2.82
N TRP B 241 -20.02 -15.48 1.52
CA TRP B 241 -19.33 -14.32 0.99
C TRP B 241 -20.16 -13.04 1.15
N ARG B 242 -21.45 -13.10 0.81
CA ARG B 242 -22.33 -11.91 0.93
C ARG B 242 -22.33 -11.36 2.36
N ARG B 243 -22.47 -12.24 3.34
CA ARG B 243 -22.45 -11.82 4.74
C ARG B 243 -21.16 -11.11 5.20
N LYS B 244 -20.06 -11.25 4.48
CA LYS B 244 -18.81 -10.60 4.84
C LYS B 244 -18.76 -9.12 4.41
N VAL B 245 -19.64 -8.70 3.50
CA VAL B 245 -19.55 -7.36 2.92
C VAL B 245 -20.28 -6.34 3.83
N PRO B 246 -19.54 -5.38 4.40
CA PRO B 246 -20.13 -4.43 5.33
C PRO B 246 -21.28 -3.61 4.73
N LEU B 247 -21.12 -3.15 3.50
CA LEU B 247 -22.13 -2.32 2.84
C LEU B 247 -23.24 -3.17 2.22
N GLY B 248 -24.23 -3.49 3.03
CA GLY B 248 -25.44 -4.17 2.55
C GLY B 248 -25.39 -5.67 2.51
N ARG B 249 -24.28 -6.29 2.94
CA ARG B 249 -24.21 -7.76 3.01
C ARG B 249 -24.66 -8.40 1.71
N ARG B 250 -24.17 -7.86 0.60
CA ARG B 250 -24.47 -8.39 -0.72
C ARG B 250 -23.32 -8.09 -1.65
N GLU B 251 -23.27 -8.84 -2.74
CA GLU B 251 -22.24 -8.67 -3.77
C GLU B 251 -22.57 -7.51 -4.69
N ALA B 252 -21.56 -6.96 -5.38
CA ALA B 252 -21.81 -5.90 -6.37
C ALA B 252 -22.48 -6.49 -7.59
N SER B 253 -23.45 -5.78 -8.16
CA SER B 253 -23.93 -6.14 -9.49
C SER B 253 -22.83 -5.82 -10.51
N ALA B 254 -22.98 -6.39 -11.71
CA ALA B 254 -22.06 -6.13 -12.79
C ALA B 254 -22.19 -4.67 -13.22
N GLU B 255 -23.40 -4.13 -13.12
CA GLU B 255 -23.69 -2.75 -13.46
C GLU B 255 -22.93 -1.73 -12.57
N GLN B 256 -22.86 -2.02 -11.27
CA GLN B 256 -22.08 -1.20 -10.36
C GLN B 256 -20.57 -1.18 -10.69
N ILE B 257 -20.01 -2.32 -11.08
CA ILE B 257 -18.65 -2.34 -11.57
C ILE B 257 -18.55 -1.54 -12.85
N ALA B 258 -19.52 -1.71 -13.77
CA ALA B 258 -19.48 -0.95 -15.03
C ALA B 258 -19.55 0.57 -14.81
N ASP B 259 -20.33 0.99 -13.80
CA ASP B 259 -20.40 2.42 -13.42
C ASP B 259 -19.04 3.08 -13.18
N ALA B 260 -18.15 2.37 -12.47
CA ALA B 260 -16.79 2.89 -12.22
C ALA B 260 -15.96 2.95 -13.50
N VAL B 261 -16.14 1.95 -14.37
CA VAL B 261 -15.47 1.96 -15.68
C VAL B 261 -15.86 3.18 -16.51
N ILE B 262 -17.16 3.40 -16.63
CA ILE B 262 -17.71 4.61 -17.30
C ILE B 262 -17.16 5.94 -16.77
N PHE B 263 -17.12 6.10 -15.44
CA PHE B 263 -16.46 7.26 -14.84
C PHE B 263 -15.02 7.46 -15.32
N LEU B 264 -14.20 6.40 -15.23
CA LEU B 264 -12.81 6.51 -15.62
C LEU B 264 -12.60 6.86 -17.10
N VAL B 265 -13.48 6.39 -17.99
CA VAL B 265 -13.32 6.77 -19.41
C VAL B 265 -13.90 8.15 -19.77
N SER B 266 -14.70 8.72 -18.87
CA SER B 266 -15.40 9.99 -19.11
C SER B 266 -14.49 11.23 -19.01
N GLY B 267 -15.06 12.37 -19.41
CA GLY B 267 -14.42 13.68 -19.29
C GLY B 267 -14.26 14.17 -17.85
N SER B 268 -14.98 13.54 -16.91
CA SER B 268 -14.85 13.86 -15.49
C SER B 268 -13.62 13.26 -14.83
N ALA B 269 -12.86 12.45 -15.57
CA ALA B 269 -11.69 11.74 -15.06
C ALA B 269 -10.43 12.10 -15.81
N GLN B 270 -10.44 13.24 -16.48
CA GLN B 270 -9.33 13.56 -17.41
C GLN B 270 -7.96 13.89 -16.81
N TYR B 271 -7.86 14.03 -15.49
CA TYR B 271 -6.58 14.17 -14.79
C TYR B 271 -6.21 12.88 -14.04
N ILE B 272 -7.05 11.85 -14.15
CA ILE B 272 -6.85 10.62 -13.39
C ILE B 272 -6.10 9.61 -14.24
N THR B 273 -4.91 9.22 -13.78
CA THR B 273 -4.16 8.14 -14.40
C THR B 273 -3.30 7.44 -13.35
N GLY B 274 -3.13 6.13 -13.53
CA GLY B 274 -2.39 5.31 -12.57
C GLY B 274 -3.19 5.04 -11.29
N SER B 275 -4.50 5.31 -11.32
CA SER B 275 -5.34 5.13 -10.13
CA SER B 275 -5.36 5.14 -10.14
C SER B 275 -6.13 3.83 -10.22
N ILE B 276 -6.36 3.17 -9.09
CA ILE B 276 -7.20 1.97 -9.05
C ILE B 276 -8.37 2.16 -8.08
N ILE B 277 -9.60 2.12 -8.61
CA ILE B 277 -10.78 2.37 -7.82
C ILE B 277 -11.33 1.04 -7.28
N LYS B 278 -11.36 0.87 -5.97
CA LYS B 278 -12.02 -0.31 -5.35
C LYS B 278 -13.51 -0.17 -5.40
N VAL B 279 -14.21 -1.22 -5.82
CA VAL B 279 -15.66 -1.21 -5.83
C VAL B 279 -16.04 -2.48 -5.05
N ASP B 280 -15.94 -2.41 -3.73
CA ASP B 280 -15.98 -3.63 -2.92
C ASP B 280 -16.84 -3.59 -1.68
N GLY B 281 -17.61 -2.53 -1.49
CA GLY B 281 -18.50 -2.47 -0.34
C GLY B 281 -17.80 -2.55 1.00
N GLY B 282 -16.50 -2.26 1.04
CA GLY B 282 -15.73 -2.29 2.27
C GLY B 282 -15.11 -3.63 2.62
N LEU B 283 -15.30 -4.66 1.80
CA LEU B 283 -14.81 -6.02 2.10
C LEU B 283 -13.31 -6.10 2.43
N SER B 284 -12.49 -5.32 1.73
CA SER B 284 -11.05 -5.36 1.89
C SER B 284 -10.57 -4.76 3.23
N LEU B 285 -11.45 -4.02 3.91
CA LEU B 285 -11.19 -3.46 5.23
C LEU B 285 -11.46 -4.42 6.39
N VAL B 286 -12.10 -5.56 6.10
CA VAL B 286 -12.54 -6.51 7.12
C VAL B 286 -11.42 -7.53 7.51
N HIS B 287 -11.02 -7.52 8.77
CA HIS B 287 -9.97 -8.41 9.26
C HIS B 287 -10.51 -9.83 9.42
N ALA B 288 -9.60 -10.81 9.54
CA ALA B 288 -9.96 -12.23 9.64
C ALA B 288 -10.85 -12.53 10.84
N GLU C 22 32.38 4.03 25.53
CA GLU C 22 31.33 3.60 26.49
C GLU C 22 30.18 2.92 25.76
N ALA C 23 29.25 2.37 26.53
CA ALA C 23 28.14 1.62 25.96
C ALA C 23 27.10 2.60 25.39
N PRO C 24 26.43 2.23 24.27
CA PRO C 24 25.35 3.10 23.81
C PRO C 24 24.17 3.07 24.79
N ALA C 25 23.24 4.02 24.65
CA ALA C 25 22.10 4.16 25.56
C ALA C 25 20.79 4.22 24.77
N ALA C 26 19.73 3.61 25.31
CA ALA C 26 18.41 3.61 24.67
C ALA C 26 17.32 4.12 25.62
N VAL C 27 16.35 4.85 25.06
CA VAL C 27 15.11 5.19 25.79
C VAL C 27 14.01 4.28 25.24
N VAL C 28 13.32 3.56 26.12
CA VAL C 28 12.12 2.80 25.75
C VAL C 28 10.90 3.31 26.52
N THR C 29 9.89 3.78 25.79
CA THR C 29 8.67 4.32 26.46
C THR C 29 7.75 3.14 26.78
N GLY C 30 7.02 3.25 27.89
CA GLY C 30 6.14 2.18 28.34
C GLY C 30 6.87 0.86 28.57
N ALA C 31 8.02 0.92 29.23
CA ALA C 31 8.91 -0.24 29.32
C ALA C 31 8.73 -1.11 30.57
N ALA C 32 7.74 -0.81 31.42
CA ALA C 32 7.59 -1.54 32.68
C ALA C 32 7.06 -2.95 32.49
N LYS C 33 6.18 -3.13 31.50
CA LYS C 33 5.47 -4.40 31.32
C LYS C 33 5.45 -4.83 29.85
N ARG C 34 5.13 -6.10 29.65
CA ARG C 34 4.72 -6.63 28.36
C ARG C 34 5.75 -6.39 27.26
N ILE C 35 5.39 -5.81 26.12
CA ILE C 35 6.31 -5.73 24.96
C ILE C 35 7.44 -4.75 25.26
N GLY C 36 7.12 -3.61 25.86
CA GLY C 36 8.16 -2.63 26.20
C GLY C 36 9.21 -3.18 27.16
N ARG C 37 8.80 -3.99 28.10
CA ARG C 37 9.74 -4.66 29.00
C ARG C 37 10.69 -5.61 28.26
N ALA C 38 10.14 -6.39 27.33
CA ALA C 38 10.92 -7.36 26.54
C ALA C 38 11.96 -6.65 25.67
N ILE C 39 11.57 -5.51 25.11
CA ILE C 39 12.49 -4.67 24.31
C ILE C 39 13.62 -4.12 25.22
N ALA C 40 13.25 -3.62 26.40
CA ALA C 40 14.27 -3.05 27.31
C ALA C 40 15.28 -4.13 27.70
N VAL C 41 14.78 -5.31 28.08
CA VAL C 41 15.63 -6.43 28.47
C VAL C 41 16.59 -6.87 27.35
N LYS C 42 16.05 -7.00 26.14
CA LYS C 42 16.85 -7.43 25.01
C LYS C 42 17.90 -6.39 24.62
N LEU C 43 17.55 -5.09 24.64
CA LEU C 43 18.54 -4.02 24.40
C LEU C 43 19.65 -4.10 25.46
N HIS C 44 19.25 -4.29 26.71
CA HIS C 44 20.20 -4.38 27.81
C HIS C 44 21.13 -5.59 27.62
N GLN C 45 20.55 -6.74 27.27
CA GLN C 45 21.36 -7.94 27.00
C GLN C 45 22.35 -7.78 25.83
N THR C 46 22.04 -6.88 24.90
CA THR C 46 22.89 -6.58 23.74
C THR C 46 23.99 -5.56 24.08
N GLY C 47 23.89 -4.94 25.26
CA GLY C 47 24.94 -4.05 25.75
C GLY C 47 24.55 -2.59 25.93
N TYR C 48 23.28 -2.25 25.67
CA TYR C 48 22.76 -0.90 25.93
C TYR C 48 22.54 -0.61 27.40
N ARG C 49 22.76 0.64 27.77
CA ARG C 49 22.22 1.21 29.00
C ARG C 49 20.84 1.72 28.63
N VAL C 50 19.88 1.61 29.56
CA VAL C 50 18.48 1.91 29.22
CA VAL C 50 18.48 1.90 29.22
C VAL C 50 17.77 2.84 30.18
N VAL C 51 16.93 3.70 29.62
CA VAL C 51 15.95 4.50 30.39
C VAL C 51 14.61 3.76 30.26
N ILE C 52 14.10 3.29 31.40
CA ILE C 52 12.81 2.61 31.49
C ILE C 52 11.74 3.65 31.81
N HIS C 53 11.02 4.12 30.80
CA HIS C 53 9.92 5.08 31.04
C HIS C 53 8.65 4.35 31.47
N TYR C 54 7.87 5.01 32.33
CA TYR C 54 6.59 4.53 32.84
C TYR C 54 5.64 5.73 33.13
N HIS C 55 4.35 5.42 33.18
CA HIS C 55 3.31 6.37 33.61
C HIS C 55 2.75 5.94 34.96
N ASN C 56 2.02 4.82 35.01
CA ASN C 56 1.43 4.34 36.26
C ASN C 56 2.15 3.14 36.93
N SER C 57 3.01 2.43 36.21
CA SER C 57 3.57 1.16 36.72
C SER C 57 4.97 1.36 37.33
N ALA C 58 5.03 2.18 38.37
CA ALA C 58 6.29 2.52 39.06
C ALA C 58 6.95 1.31 39.71
N GLU C 59 6.18 0.50 40.42
CA GLU C 59 6.69 -0.72 41.07
C GLU C 59 7.37 -1.66 40.07
N ALA C 60 6.68 -1.94 38.98
CA ALA C 60 7.21 -2.81 37.92
C ALA C 60 8.44 -2.21 37.20
N ALA C 61 8.42 -0.90 36.93
CA ALA C 61 9.59 -0.22 36.32
C ALA C 61 10.86 -0.33 37.19
N VAL C 62 10.70 -0.13 38.49
CA VAL C 62 11.81 -0.23 39.43
C VAL C 62 12.27 -1.69 39.60
N SER C 63 11.33 -2.63 39.61
CA SER C 63 11.67 -4.04 39.64
C SER C 63 12.56 -4.45 38.45
N LEU C 64 12.22 -4.00 37.24
CA LEU C 64 13.03 -4.24 36.04
C LEU C 64 14.40 -3.57 36.17
N ALA C 65 14.41 -2.30 36.55
CA ALA C 65 15.65 -1.55 36.75
C ALA C 65 16.58 -2.30 37.72
N ASP C 66 16.03 -2.76 38.85
CA ASP C 66 16.79 -3.51 39.85
C ASP C 66 17.40 -4.79 39.28
N GLU C 67 16.61 -5.53 38.49
CA GLU C 67 17.07 -6.74 37.82
C GLU C 67 18.19 -6.47 36.81
N LEU C 68 18.07 -5.39 36.03
CA LEU C 68 19.08 -5.02 35.05
C LEU C 68 20.37 -4.51 35.72
N ASN C 69 20.22 -3.70 36.76
CA ASN C 69 21.38 -3.21 37.55
C ASN C 69 22.13 -4.28 38.38
N LYS C 70 21.43 -5.33 38.79
CA LYS C 70 22.09 -6.51 39.36
C LYS C 70 23.03 -7.14 38.34
N GLU C 71 22.63 -7.16 37.07
CA GLU C 71 23.46 -7.72 36.01
C GLU C 71 24.67 -6.80 35.73
N ARG C 72 24.42 -5.51 35.51
CA ARG C 72 25.52 -4.51 35.38
C ARG C 72 25.17 -3.23 36.11
N SER C 73 25.89 -2.93 37.18
CA SER C 73 25.61 -1.74 37.99
C SER C 73 25.52 -0.48 37.14
N ASN C 74 24.53 0.36 37.49
CA ASN C 74 24.36 1.69 36.90
C ASN C 74 24.16 1.67 35.37
N THR C 75 23.41 0.69 34.89
CA THR C 75 23.08 0.60 33.48
C THR C 75 21.59 0.78 33.16
N ALA C 76 20.76 0.96 34.19
CA ALA C 76 19.32 1.11 34.03
C ALA C 76 18.79 2.16 35.01
N VAL C 77 18.02 3.11 34.48
CA VAL C 77 17.34 4.13 35.29
C VAL C 77 15.87 4.22 34.85
N VAL C 78 15.02 4.75 35.72
CA VAL C 78 13.61 4.90 35.40
C VAL C 78 13.25 6.38 35.20
N CSX C 79 12.17 6.62 34.44
CA CSX C 79 11.69 7.97 34.16
CB CSX C 79 12.34 8.43 32.86
SG CSX C 79 11.83 10.09 32.40
C CSX C 79 10.18 8.00 34.08
O CSX C 79 9.61 7.28 33.26
OD CSX C 79 12.74 11.49 33.04
N GLN C 80 9.53 8.81 34.90
CA GLN C 80 8.05 8.92 34.89
C GLN C 80 7.59 10.04 33.98
N ALA C 81 6.57 9.78 33.17
CA ALA C 81 5.87 10.87 32.45
C ALA C 81 4.53 10.41 31.89
N ASP C 82 3.51 11.25 32.03
CA ASP C 82 2.25 11.09 31.27
C ASP C 82 2.45 11.58 29.85
N LEU C 83 2.10 10.75 28.86
CA LEU C 83 2.31 11.08 27.44
C LEU C 83 1.00 11.50 26.72
N THR C 84 -0.04 11.77 27.51
CA THR C 84 -1.30 12.35 26.99
C THR C 84 -1.03 13.74 26.38
N ASN C 85 -1.71 14.07 25.28
CA ASN C 85 -1.52 15.38 24.66
C ASN C 85 -2.00 16.46 25.63
N SER C 86 -1.19 17.52 25.78
CA SER C 86 -1.49 18.64 26.66
C SER C 86 -0.51 19.79 26.42
N ASN C 87 -0.74 20.91 27.11
CA ASN C 87 0.18 22.04 27.06
C ASN C 87 1.59 21.71 27.57
N VAL C 88 1.72 20.73 28.48
CA VAL C 88 3.03 20.31 29.02
C VAL C 88 3.69 19.07 28.37
N LEU C 89 3.05 18.43 27.40
CA LEU C 89 3.64 17.27 26.73
C LEU C 89 4.99 17.55 26.08
N PRO C 90 5.13 18.70 25.39
CA PRO C 90 6.46 18.99 24.84
C PRO C 90 7.59 19.02 25.91
N ALA C 91 7.33 19.65 27.05
CA ALA C 91 8.30 19.68 28.14
C ALA C 91 8.55 18.26 28.69
N SER C 92 7.51 17.44 28.80
CA SER C 92 7.70 16.08 29.30
C SER C 92 8.56 15.23 28.36
N CYS C 93 8.34 15.39 27.05
CA CYS C 93 9.10 14.67 26.07
C CYS C 93 10.57 15.11 26.09
N GLU C 94 10.79 16.40 26.28
CA GLU C 94 12.17 16.93 26.33
C GLU C 94 12.91 16.37 27.55
N GLU C 95 12.20 16.19 28.65
CA GLU C 95 12.82 15.68 29.88
C GLU C 95 13.10 14.18 29.86
N ILE C 96 12.27 13.40 29.16
CA ILE C 96 12.59 11.98 28.90
C ILE C 96 13.94 11.86 28.16
N ILE C 97 14.08 12.60 27.07
CA ILE C 97 15.32 12.60 26.32
C ILE C 97 16.48 13.11 27.19
N ASN C 98 16.26 14.21 27.92
CA ASN C 98 17.31 14.74 28.78
CA ASN C 98 17.27 14.76 28.82
C ASN C 98 17.75 13.75 29.87
N SER C 99 16.84 12.90 30.35
CA SER C 99 17.18 11.94 31.40
C SER C 99 18.19 10.89 30.93
N CYS C 100 18.12 10.52 29.66
CA CYS C 100 19.12 9.61 29.09
C CYS C 100 20.49 10.28 28.99
N PHE C 101 20.52 11.51 28.51
CA PHE C 101 21.77 12.29 28.52
C PHE C 101 22.33 12.53 29.93
N ARG C 102 21.46 12.85 30.88
CA ARG C 102 21.82 13.00 32.30
C ARG C 102 22.50 11.74 32.87
N ALA C 103 21.87 10.60 32.67
CA ALA C 103 22.33 9.36 33.27
C ALA C 103 23.55 8.78 32.56
N PHE C 104 23.56 8.84 31.22
CA PHE C 104 24.50 8.06 30.42
C PHE C 104 25.40 8.89 29.50
N GLY C 105 25.09 10.18 29.35
CA GLY C 105 25.96 11.10 28.58
C GLY C 105 25.74 11.04 27.08
N ARG C 106 24.72 10.30 26.65
CA ARG C 106 24.45 10.09 25.24
C ARG C 106 23.06 9.46 25.10
N CYS C 107 22.51 9.53 23.89
CA CYS C 107 21.26 8.86 23.56
C CYS C 107 21.32 8.42 22.09
N ASP C 108 21.44 7.11 21.89
CA ASP C 108 21.64 6.52 20.57
C ASP C 108 20.36 5.95 19.96
N VAL C 109 19.47 5.44 20.80
CA VAL C 109 18.25 4.77 20.37
C VAL C 109 17.03 5.27 21.13
N LEU C 110 15.96 5.54 20.37
CA LEU C 110 14.64 5.83 20.91
C LEU C 110 13.66 4.78 20.40
N VAL C 111 12.96 4.13 21.32
CA VAL C 111 11.88 3.21 20.98
C VAL C 111 10.54 3.77 21.49
N ASN C 112 9.65 4.10 20.55
CA ASN C 112 8.34 4.66 20.87
C ASN C 112 7.35 3.49 20.96
N ASN C 113 7.19 2.99 22.17
CA ASN C 113 6.38 1.81 22.49
C ASN C 113 5.08 2.14 23.24
N ALA C 114 5.09 3.15 24.13
CA ALA C 114 3.91 3.48 24.94
C ALA C 114 2.66 3.73 24.08
N SER C 115 1.49 3.27 24.55
CA SER C 115 0.29 3.27 23.72
C SER C 115 -1.00 3.05 24.50
N ALA C 116 -1.95 3.98 24.35
CA ALA C 116 -3.32 3.79 24.83
C ALA C 116 -4.14 3.05 23.75
N PHE C 117 -5.02 2.18 24.22
CA PHE C 117 -5.75 1.26 23.32
C PHE C 117 -7.11 0.94 23.93
N TYR C 118 -8.17 1.47 23.31
CA TYR C 118 -9.53 1.16 23.71
C TYR C 118 -10.51 1.72 22.67
N PRO C 119 -11.73 1.20 22.64
CA PRO C 119 -12.61 1.62 21.57
C PRO C 119 -13.20 3.01 21.78
N THR C 120 -13.54 3.65 20.65
CA THR C 120 -14.16 4.96 20.62
C THR C 120 -15.23 4.97 19.52
N PRO C 121 -16.41 4.39 19.80
CA PRO C 121 -17.49 4.23 18.81
C PRO C 121 -17.95 5.56 18.21
N LEU C 122 -18.19 5.57 16.89
CA LEU C 122 -18.69 6.77 16.22
C LEU C 122 -20.16 7.07 16.56
N VAL C 123 -20.96 6.02 16.77
CA VAL C 123 -22.40 6.19 16.97
C VAL C 123 -22.83 5.63 18.32
N GLY C 133 -17.73 7.60 31.97
CA GLY C 133 -16.62 7.39 31.05
C GLY C 133 -15.96 8.68 30.58
N LYS C 134 -14.87 8.54 29.82
CA LYS C 134 -14.08 9.69 29.38
C LYS C 134 -14.82 10.55 28.37
N THR C 135 -14.55 11.86 28.41
CA THR C 135 -15.04 12.77 27.40
C THR C 135 -14.31 12.46 26.09
N VAL C 136 -14.93 12.80 24.95
CA VAL C 136 -14.26 12.57 23.67
C VAL C 136 -12.96 13.36 23.58
N GLU C 137 -12.94 14.57 24.13
CA GLU C 137 -11.70 15.37 24.13
C GLU C 137 -10.55 14.69 24.91
N THR C 138 -10.88 13.97 25.98
CA THR C 138 -9.88 13.17 26.70
C THR C 138 -9.41 11.94 25.91
N GLN C 139 -10.34 11.28 25.22
CA GLN C 139 -10.03 10.13 24.38
C GLN C 139 -9.09 10.55 23.23
N VAL C 140 -9.38 11.69 22.62
CA VAL C 140 -8.47 12.27 21.61
C VAL C 140 -7.08 12.47 22.22
N ALA C 141 -7.03 13.08 23.41
CA ALA C 141 -5.75 13.43 24.05
C ALA C 141 -4.89 12.19 24.33
N GLU C 142 -5.52 11.14 24.82
CA GLU C 142 -4.81 9.91 25.14
C GLU C 142 -4.42 9.10 23.91
N LEU C 143 -5.38 8.80 23.05
CA LEU C 143 -5.13 7.93 21.92
C LEU C 143 -4.29 8.60 20.82
N ILE C 144 -4.50 9.88 20.56
CA ILE C 144 -3.66 10.57 19.57
C ILE C 144 -2.36 11.09 20.20
N GLY C 145 -2.43 11.50 21.47
CA GLY C 145 -1.23 11.92 22.19
C GLY C 145 -0.20 10.81 22.35
N THR C 146 -0.60 9.72 23.00
CA THR C 146 0.33 8.61 23.21
C THR C 146 0.85 7.97 21.95
N ASN C 147 -0.05 7.75 20.98
CA ASN C 147 0.32 6.96 19.81
C ASN C 147 1.04 7.75 18.72
N ALA C 148 0.94 9.08 18.73
CA ALA C 148 1.41 9.86 17.59
C ALA C 148 2.11 11.17 17.99
N ILE C 149 1.49 11.99 18.83
CA ILE C 149 2.05 13.30 19.14
CA ILE C 149 2.07 13.29 19.11
C ILE C 149 3.30 13.15 20.01
N ALA C 150 3.24 12.29 21.03
CA ALA C 150 4.42 12.06 21.89
C ALA C 150 5.62 11.54 21.09
N PRO C 151 5.43 10.50 20.25
CA PRO C 151 6.48 10.09 19.32
C PRO C 151 7.09 11.22 18.50
N PHE C 152 6.26 12.14 18.00
CA PHE C 152 6.75 13.27 17.19
C PHE C 152 7.65 14.19 18.06
N LEU C 153 7.21 14.46 19.28
CA LEU C 153 7.89 15.39 20.16
C LEU C 153 9.18 14.79 20.70
N LEU C 154 9.14 13.50 21.00
CA LEU C 154 10.31 12.72 21.41
C LEU C 154 11.32 12.61 20.26
N THR C 155 10.82 12.42 19.06
CA THR C 155 11.67 12.45 17.86
C THR C 155 12.40 13.81 17.67
N MET C 156 11.66 14.90 17.82
CA MET C 156 12.23 16.26 17.71
CA MET C 156 12.22 16.26 17.69
C MET C 156 13.33 16.48 18.72
N SER C 157 13.04 16.15 19.98
CA SER C 157 13.98 16.32 21.08
C SER C 157 15.23 15.46 20.89
N PHE C 158 15.02 14.20 20.49
CA PHE C 158 16.11 13.26 20.21
C PHE C 158 17.05 13.83 19.15
N ALA C 159 16.48 14.32 18.04
CA ALA C 159 17.24 14.86 16.92
C ALA C 159 17.98 16.16 17.29
N GLN C 160 17.32 17.01 18.06
CA GLN C 160 17.86 18.32 18.44
C GLN C 160 19.12 18.18 19.32
N ARG C 161 19.08 17.20 20.22
CA ARG C 161 20.17 16.94 21.15
C ARG C 161 21.38 16.24 20.50
N GLN C 162 21.28 15.82 19.25
CA GLN C 162 22.45 15.22 18.58
C GLN C 162 23.26 16.33 17.90
N SER C 172 29.00 6.21 15.19
CA SER C 172 27.67 6.34 15.77
C SER C 172 26.65 5.53 14.96
N ASN C 173 25.66 4.97 15.65
CA ASN C 173 24.56 4.30 14.97
C ASN C 173 23.24 4.70 15.63
N LEU C 174 22.77 5.89 15.27
CA LEU C 174 21.55 6.49 15.84
C LEU C 174 20.31 6.00 15.12
N SER C 175 19.31 5.57 15.87
CA SER C 175 18.07 5.18 15.26
C SER C 175 16.89 5.25 16.20
N ILE C 176 15.73 5.35 15.58
CA ILE C 176 14.43 5.39 16.25
C ILE C 176 13.59 4.23 15.73
N VAL C 177 12.90 3.52 16.62
CA VAL C 177 11.98 2.46 16.20
C VAL C 177 10.60 2.77 16.76
N ASN C 178 9.60 2.84 15.89
CA ASN C 178 8.22 3.10 16.32
C ASN C 178 7.40 1.80 16.31
N LEU C 179 6.67 1.54 17.36
CA LEU C 179 5.76 0.36 17.41
C LEU C 179 4.42 0.70 16.77
N CYS C 180 4.21 0.15 15.58
CA CYS C 180 3.05 0.38 14.73
C CYS C 180 2.04 -0.77 14.96
N ASP C 181 1.23 -1.09 13.94
CA ASP C 181 0.21 -2.13 14.02
C ASP C 181 0.06 -2.74 12.63
N ALA C 182 0.24 -4.04 12.54
CA ALA C 182 0.16 -4.73 11.23
C ALA C 182 -1.24 -4.69 10.62
N MET C 183 -2.25 -4.52 11.48
CA MET C 183 -3.64 -4.50 11.04
C MET C 183 -4.18 -3.08 10.81
N VAL C 184 -3.30 -2.09 10.61
CA VAL C 184 -3.74 -0.70 10.36
C VAL C 184 -4.77 -0.55 9.22
N ASP C 185 -4.68 -1.38 8.18
CA ASP C 185 -5.62 -1.28 7.02
C ASP C 185 -6.82 -2.24 7.08
N GLN C 186 -6.95 -2.96 8.19
CA GLN C 186 -8.08 -3.83 8.47
C GLN C 186 -8.42 -3.67 9.95
N PRO C 187 -8.85 -2.48 10.33
CA PRO C 187 -8.92 -2.10 11.74
C PRO C 187 -10.04 -2.83 12.50
N CYS C 188 -9.87 -2.92 13.82
CA CYS C 188 -10.93 -3.39 14.72
C CYS C 188 -12.12 -2.43 14.67
N MET C 189 -13.32 -3.01 14.64
CA MET C 189 -14.56 -2.23 14.62
C MET C 189 -14.62 -1.28 15.84
N ALA C 190 -14.97 -0.02 15.61
CA ALA C 190 -15.16 0.94 16.71
C ALA C 190 -13.85 1.47 17.34
N PHE C 191 -12.71 1.26 16.67
CA PHE C 191 -11.41 1.75 17.18
C PHE C 191 -10.84 2.90 16.30
N SER C 192 -11.68 3.83 15.86
CA SER C 192 -11.25 4.83 14.89
CA SER C 192 -11.29 4.88 14.93
C SER C 192 -10.12 5.73 15.41
N LEU C 193 -10.21 6.23 16.64
CA LEU C 193 -9.16 7.13 17.16
CA LEU C 193 -9.16 7.12 17.16
C LEU C 193 -7.82 6.38 17.32
N TYR C 194 -7.87 5.15 17.83
CA TYR C 194 -6.67 4.32 17.93
C TYR C 194 -6.03 4.13 16.54
N ASN C 195 -6.85 3.73 15.57
CA ASN C 195 -6.39 3.51 14.18
C ASN C 195 -5.83 4.78 13.54
N MET C 196 -6.50 5.92 13.75
CA MET C 196 -5.97 7.24 13.33
C MET C 196 -4.59 7.54 13.89
N GLY C 197 -4.41 7.27 15.18
CA GLY C 197 -3.11 7.39 15.86
C GLY C 197 -2.03 6.50 15.27
N LYS C 198 -2.34 5.25 15.00
CA LYS C 198 -1.34 4.33 14.41
C LYS C 198 -1.03 4.69 12.96
N HIS C 199 -2.02 5.20 12.22
CA HIS C 199 -1.75 5.70 10.87
C HIS C 199 -0.85 6.92 10.86
N ALA C 200 -1.11 7.86 11.78
CA ALA C 200 -0.22 9.04 11.96
C ALA C 200 1.21 8.62 12.29
N LEU C 201 1.35 7.56 13.06
CA LEU C 201 2.69 7.04 13.43
C LEU C 201 3.45 6.49 12.23
N VAL C 202 2.75 5.83 11.31
CA VAL C 202 3.32 5.47 9.99
C VAL C 202 3.84 6.71 9.24
N GLY C 203 3.03 7.76 9.19
CA GLY C 203 3.43 9.03 8.57
C GLY C 203 4.62 9.68 9.23
N LEU C 204 4.67 9.65 10.55
CA LEU C 204 5.85 10.15 11.29
C LEU C 204 7.10 9.34 10.92
N THR C 205 6.98 8.02 10.89
CA THR C 205 8.09 7.12 10.58
C THR C 205 8.70 7.48 9.20
N GLN C 206 7.86 7.69 8.19
CA GLN C 206 8.32 8.06 6.86
C GLN C 206 8.86 9.47 6.77
N SER C 207 8.13 10.45 7.31
CA SER C 207 8.57 11.85 7.25
C SER C 207 9.90 12.09 7.98
N ALA C 208 10.01 11.55 9.18
CA ALA C 208 11.22 11.68 9.96
C ALA C 208 12.38 10.91 9.33
N ALA C 209 12.10 9.76 8.73
CA ALA C 209 13.16 9.00 8.04
C ALA C 209 13.78 9.88 6.97
N LEU C 210 12.94 10.60 6.23
CA LEU C 210 13.41 11.46 5.14
C LEU C 210 14.20 12.66 5.66
N GLU C 211 13.65 13.33 6.67
CA GLU C 211 14.21 14.58 7.18
C GLU C 211 15.45 14.36 8.03
N LEU C 212 15.51 13.25 8.75
CA LEU C 212 16.66 12.96 9.60
C LEU C 212 17.77 12.11 8.92
N ALA C 213 17.56 11.65 7.70
CA ALA C 213 18.57 10.84 7.00
C ALA C 213 19.91 11.60 6.84
N PRO C 214 19.87 12.91 6.48
CA PRO C 214 21.12 13.68 6.40
C PRO C 214 21.93 13.77 7.70
N TYR C 215 21.27 13.55 8.84
CA TYR C 215 21.93 13.54 10.16
C TYR C 215 22.42 12.15 10.57
N GLY C 216 22.21 11.15 9.71
CA GLY C 216 22.60 9.77 10.01
C GLY C 216 21.65 9.06 10.97
N ILE C 217 20.50 9.64 11.26
CA ILE C 217 19.50 9.03 12.15
C ILE C 217 18.51 8.22 11.31
N ARG C 218 18.48 6.91 11.52
CA ARG C 218 17.51 6.03 10.87
C ARG C 218 16.23 5.95 11.68
N VAL C 219 15.10 5.88 10.97
CA VAL C 219 13.77 5.81 11.57
C VAL C 219 12.95 4.67 10.95
N ASN C 220 12.56 3.69 11.75
CA ASN C 220 11.82 2.54 11.27
C ASN C 220 10.71 2.12 12.21
N GLY C 221 9.91 1.16 11.75
CA GLY C 221 8.84 0.60 12.58
C GLY C 221 8.79 -0.91 12.65
N VAL C 222 8.22 -1.40 13.77
CA VAL C 222 7.83 -2.78 13.94
C VAL C 222 6.33 -2.84 14.16
N ALA C 223 5.66 -3.67 13.36
CA ALA C 223 4.21 -3.78 13.35
C ALA C 223 3.77 -5.16 13.84
N PRO C 224 3.47 -5.29 15.14
CA PRO C 224 2.86 -6.56 15.59
C PRO C 224 1.44 -6.74 15.09
N GLY C 225 0.99 -7.98 15.03
CA GLY C 225 -0.41 -8.28 14.75
C GLY C 225 -1.13 -8.58 16.05
N VAL C 226 -1.20 -9.86 16.40
CA VAL C 226 -1.56 -10.26 17.76
C VAL C 226 -0.30 -10.77 18.45
N SER C 227 0.12 -10.03 19.47
CA SER C 227 1.17 -10.40 20.37
C SER C 227 0.43 -10.66 21.68
N LEU C 228 0.98 -10.18 22.80
CA LEU C 228 0.33 -10.35 24.11
C LEU C 228 -1.08 -9.75 24.09
N LEU C 229 -2.10 -10.57 24.33
CA LEU C 229 -3.48 -10.11 24.23
C LEU C 229 -3.81 -9.22 25.44
N PRO C 230 -4.78 -8.28 25.28
CA PRO C 230 -5.13 -7.40 26.39
C PRO C 230 -5.50 -8.20 27.62
N VAL C 231 -4.98 -7.77 28.77
CA VAL C 231 -5.23 -8.46 30.04
C VAL C 231 -6.74 -8.56 30.34
N ALA C 232 -7.48 -7.53 29.95
CA ALA C 232 -8.94 -7.46 30.15
C ALA C 232 -9.74 -8.43 29.26
N MET C 233 -9.14 -8.87 28.14
CA MET C 233 -9.80 -9.77 27.21
C MET C 233 -10.10 -11.14 27.84
N GLY C 234 -11.29 -11.66 27.57
CA GLY C 234 -11.68 -12.99 28.02
C GLY C 234 -10.90 -14.09 27.32
N GLU C 235 -10.74 -15.23 27.99
CA GLU C 235 -9.96 -16.36 27.48
C GLU C 235 -10.57 -16.93 26.18
N GLU C 236 -11.89 -16.86 26.07
CA GLU C 236 -12.61 -17.29 24.87
C GLU C 236 -12.23 -16.45 23.64
N GLU C 237 -12.34 -15.13 23.77
CA GLU C 237 -11.97 -14.24 22.65
C GLU C 237 -10.48 -14.33 22.32
N LYS C 238 -9.63 -14.46 23.34
CA LYS C 238 -8.20 -14.69 23.14
C LYS C 238 -7.95 -15.85 22.18
N ASP C 239 -8.61 -16.99 22.42
CA ASP C 239 -8.48 -18.16 21.54
C ASP C 239 -9.03 -17.93 20.14
N LYS C 240 -10.10 -17.14 20.01
CA LYS C 240 -10.64 -16.76 18.70
C LYS C 240 -9.55 -16.09 17.84
N TRP C 241 -8.84 -15.13 18.45
CA TRP C 241 -7.78 -14.39 17.74
C TRP C 241 -6.61 -15.32 17.38
N ARG C 242 -6.21 -16.15 18.35
CA ARG C 242 -5.12 -17.12 18.14
C ARG C 242 -5.37 -18.03 16.94
N ARG C 243 -6.62 -18.51 16.80
CA ARG C 243 -6.97 -19.45 15.73
C ARG C 243 -6.87 -18.86 14.31
N LYS C 244 -6.86 -17.53 14.19
CA LYS C 244 -6.82 -16.86 12.88
C LYS C 244 -5.41 -16.78 12.27
N VAL C 245 -4.40 -16.94 13.12
CA VAL C 245 -2.99 -16.69 12.74
C VAL C 245 -2.47 -17.90 11.95
N PRO C 246 -2.06 -17.67 10.69
CA PRO C 246 -1.58 -18.77 9.84
C PRO C 246 -0.37 -19.54 10.38
N LEU C 247 0.59 -18.82 10.92
CA LEU C 247 1.82 -19.42 11.43
C LEU C 247 1.65 -19.92 12.91
N GLY C 248 1.15 -21.14 13.05
CA GLY C 248 1.04 -21.82 14.36
C GLY C 248 -0.18 -21.54 15.23
N ARG C 249 -1.12 -20.75 14.69
CA ARG C 249 -2.40 -20.45 15.38
C ARG C 249 -2.15 -20.02 16.84
N ARG C 250 -1.21 -19.08 17.00
CA ARG C 250 -0.78 -18.58 18.31
C ARG C 250 -0.33 -17.13 18.17
N GLU C 251 -0.32 -16.40 19.29
CA GLU C 251 0.18 -15.04 19.30
C GLU C 251 1.72 -14.98 19.34
N ALA C 252 2.26 -13.83 18.95
CA ALA C 252 3.70 -13.57 19.09
C ALA C 252 4.00 -13.37 20.55
N SER C 253 5.06 -13.99 21.03
CA SER C 253 5.62 -13.58 22.31
C SER C 253 6.17 -12.15 22.18
N ALA C 254 6.28 -11.48 23.32
CA ALA C 254 6.92 -10.17 23.40
C ALA C 254 8.37 -10.20 22.89
N GLU C 255 9.04 -11.33 23.13
CA GLU C 255 10.43 -11.49 22.71
C GLU C 255 10.62 -11.54 21.19
N GLN C 256 9.65 -12.13 20.47
CA GLN C 256 9.62 -12.11 19.00
C GLN C 256 9.51 -10.68 18.42
N ILE C 257 8.70 -9.84 19.04
CA ILE C 257 8.64 -8.43 18.68
C ILE C 257 9.97 -7.74 18.99
N ALA C 258 10.51 -8.01 20.18
CA ALA C 258 11.80 -7.44 20.55
C ALA C 258 12.96 -7.80 19.60
N ASP C 259 12.96 -9.03 19.10
CA ASP C 259 13.95 -9.49 18.10
C ASP C 259 14.00 -8.60 16.87
N ALA C 260 12.84 -8.15 16.36
CA ALA C 260 12.82 -7.28 15.18
C ALA C 260 13.35 -5.88 15.50
N VAL C 261 13.06 -5.43 16.72
CA VAL C 261 13.63 -4.12 17.18
C VAL C 261 15.16 -4.17 17.24
N ILE C 262 15.69 -5.21 17.88
CA ILE C 262 17.15 -5.45 17.95
C ILE C 262 17.80 -5.43 16.56
N PHE C 263 17.18 -6.09 15.59
CA PHE C 263 17.70 -6.09 14.22
C PHE C 263 17.79 -4.68 13.64
N LEU C 264 16.70 -3.94 13.77
CA LEU C 264 16.61 -2.61 13.22
C LEU C 264 17.60 -1.62 13.85
N VAL C 265 17.90 -1.74 15.14
CA VAL C 265 18.90 -0.83 15.73
C VAL C 265 20.36 -1.31 15.51
N SER C 266 20.53 -2.52 14.97
CA SER C 266 21.85 -3.13 14.83
C SER C 266 22.62 -2.61 13.61
N GLY C 267 23.91 -2.97 13.56
CA GLY C 267 24.76 -2.67 12.42
C GLY C 267 24.37 -3.45 11.16
N SER C 268 23.58 -4.52 11.33
CA SER C 268 23.04 -5.25 10.20
C SER C 268 21.92 -4.51 9.44
N ALA C 269 21.43 -3.40 9.99
CA ALA C 269 20.32 -2.63 9.39
C ALA C 269 20.77 -1.21 9.03
N GLN C 270 22.07 -1.04 8.83
CA GLN C 270 22.61 0.32 8.64
C GLN C 270 22.17 1.08 7.36
N TYR C 271 21.63 0.37 6.37
CA TYR C 271 21.08 1.04 5.19
C TYR C 271 19.55 1.09 5.19
N ILE C 272 18.93 0.61 6.26
CA ILE C 272 17.49 0.52 6.35
C ILE C 272 16.89 1.74 7.09
N THR C 273 16.06 2.50 6.39
CA THR C 273 15.31 3.60 6.99
C THR C 273 14.00 3.80 6.28
N GLY C 274 12.97 4.18 7.05
CA GLY C 274 11.63 4.35 6.53
C GLY C 274 10.88 3.03 6.31
N SER C 275 11.41 1.93 6.83
CA SER C 275 10.81 0.62 6.62
C SER C 275 10.01 0.21 7.83
N ILE C 276 8.95 -0.53 7.61
CA ILE C 276 8.13 -1.09 8.68
C ILE C 276 8.06 -2.60 8.53
N ILE C 277 8.56 -3.33 9.53
CA ILE C 277 8.62 -4.77 9.51
C ILE C 277 7.38 -5.31 10.23
N LYS C 278 6.53 -6.02 9.51
CA LYS C 278 5.40 -6.76 10.12
C LYS C 278 5.90 -7.98 10.84
N VAL C 279 5.43 -8.18 12.07
CA VAL C 279 5.71 -9.37 12.83
C VAL C 279 4.35 -9.93 13.34
N ASP C 280 3.65 -10.63 12.43
CA ASP C 280 2.25 -10.94 12.64
C ASP C 280 1.84 -12.35 12.27
N GLY C 281 2.81 -13.22 11.96
CA GLY C 281 2.53 -14.61 11.62
C GLY C 281 1.60 -14.81 10.43
N GLY C 282 1.53 -13.80 9.56
CA GLY C 282 0.66 -13.86 8.38
C GLY C 282 -0.75 -13.34 8.60
N LEU C 283 -1.09 -12.91 9.81
CA LEU C 283 -2.49 -12.50 10.11
C LEU C 283 -3.07 -11.45 9.16
N SER C 284 -2.28 -10.43 8.82
CA SER C 284 -2.72 -9.36 7.90
C SER C 284 -3.07 -9.84 6.48
N LEU C 285 -2.62 -11.03 6.10
CA LEU C 285 -2.90 -11.64 4.79
C LEU C 285 -4.23 -12.40 4.71
N VAL C 286 -4.87 -12.61 5.87
CA VAL C 286 -6.04 -13.46 5.95
C VAL C 286 -7.30 -12.65 5.66
N HIS C 287 -8.07 -13.07 4.66
CA HIS C 287 -9.30 -12.36 4.30
C HIS C 287 -10.43 -12.66 5.30
N ALA C 288 -11.48 -11.82 5.28
CA ALA C 288 -12.64 -11.96 6.17
C ALA C 288 -13.27 -13.36 6.12
N GLU D 22 23.63 -31.36 12.40
CA GLU D 22 23.80 -31.38 10.93
C GLU D 22 23.51 -29.99 10.35
N ALA D 23 24.33 -29.57 9.38
CA ALA D 23 24.27 -28.21 8.87
C ALA D 23 23.08 -28.08 7.93
N PRO D 24 22.30 -27.00 8.06
CA PRO D 24 21.20 -26.83 7.10
C PRO D 24 21.74 -26.45 5.71
N ALA D 25 20.87 -26.47 4.71
CA ALA D 25 21.26 -26.24 3.31
C ALA D 25 20.33 -25.21 2.67
N ALA D 26 20.89 -24.41 1.77
CA ALA D 26 20.20 -23.36 1.03
C ALA D 26 20.49 -23.36 -0.48
N VAL D 27 19.46 -23.05 -1.26
CA VAL D 27 19.62 -22.78 -2.69
C VAL D 27 19.55 -21.26 -2.90
N VAL D 28 20.53 -20.72 -3.61
CA VAL D 28 20.51 -19.32 -4.00
C VAL D 28 20.59 -19.24 -5.52
N THR D 29 19.58 -18.64 -6.16
CA THR D 29 19.58 -18.51 -7.63
C THR D 29 20.35 -17.26 -8.05
N GLY D 30 21.01 -17.34 -9.21
CA GLY D 30 21.85 -16.25 -9.73
C GLY D 30 22.92 -15.86 -8.72
N ALA D 31 23.61 -16.87 -8.17
CA ALA D 31 24.52 -16.69 -7.04
C ALA D 31 25.99 -16.49 -7.42
N ALA D 32 26.34 -16.48 -8.71
CA ALA D 32 27.75 -16.41 -9.10
C ALA D 32 28.36 -15.02 -8.89
N LYS D 33 27.52 -13.99 -8.97
CA LYS D 33 28.00 -12.60 -8.91
C LYS D 33 27.13 -11.71 -8.06
N ARG D 34 27.66 -10.54 -7.72
CA ARG D 34 26.89 -9.42 -7.19
C ARG D 34 26.09 -9.76 -5.92
N ILE D 35 24.80 -9.48 -5.89
CA ILE D 35 24.03 -9.61 -4.64
C ILE D 35 23.83 -11.10 -4.27
N GLY D 36 23.54 -11.92 -5.28
CA GLY D 36 23.38 -13.36 -5.06
C GLY D 36 24.62 -13.99 -4.44
N ARG D 37 25.78 -13.56 -4.90
CA ARG D 37 27.06 -14.04 -4.36
C ARG D 37 27.25 -13.67 -2.89
N ALA D 38 26.94 -12.41 -2.55
CA ALA D 38 27.05 -11.92 -1.20
C ALA D 38 26.10 -12.68 -0.28
N ILE D 39 24.91 -12.98 -0.79
CA ILE D 39 23.93 -13.80 -0.04
C ILE D 39 24.48 -15.21 0.20
N ALA D 40 25.06 -15.83 -0.83
CA ALA D 40 25.59 -17.18 -0.69
C ALA D 40 26.73 -17.25 0.33
N VAL D 41 27.61 -16.26 0.28
CA VAL D 41 28.75 -16.17 1.20
C VAL D 41 28.30 -16.00 2.63
N LYS D 42 27.31 -15.14 2.86
CA LYS D 42 26.88 -14.87 4.21
C LYS D 42 26.14 -16.06 4.76
N LEU D 43 25.33 -16.73 3.95
CA LEU D 43 24.65 -17.96 4.40
C LEU D 43 25.71 -19.00 4.81
N HIS D 44 26.71 -19.18 3.96
CA HIS D 44 27.82 -20.11 4.24
C HIS D 44 28.58 -19.81 5.55
N GLN D 45 28.95 -18.54 5.73
CA GLN D 45 29.54 -18.05 6.96
C GLN D 45 28.68 -18.27 8.20
N THR D 46 27.37 -18.31 8.03
CA THR D 46 26.43 -18.57 9.12
C THR D 46 26.28 -20.06 9.42
N GLY D 47 26.80 -20.93 8.56
CA GLY D 47 26.79 -22.38 8.80
C GLY D 47 26.07 -23.22 7.74
N TYR D 48 25.49 -22.59 6.73
CA TYR D 48 24.75 -23.31 5.70
C TYR D 48 25.65 -23.96 4.67
N ARG D 49 25.24 -25.14 4.19
CA ARG D 49 25.74 -25.67 2.93
C ARG D 49 24.91 -24.99 1.81
N VAL D 50 25.54 -24.72 0.67
CA VAL D 50 24.88 -23.94 -0.38
C VAL D 50 24.94 -24.54 -1.80
N VAL D 51 23.81 -24.47 -2.50
CA VAL D 51 23.77 -24.64 -3.95
C VAL D 51 23.86 -23.26 -4.63
N ILE D 52 24.89 -23.12 -5.44
CA ILE D 52 25.18 -21.91 -6.20
C ILE D 52 24.61 -22.10 -7.62
N HIS D 53 23.39 -21.65 -7.84
CA HIS D 53 22.81 -21.68 -9.19
C HIS D 53 23.35 -20.51 -10.03
N TYR D 54 23.51 -20.78 -11.33
CA TYR D 54 23.99 -19.80 -12.30
C TYR D 54 23.41 -20.13 -13.67
N HIS D 55 23.51 -19.18 -14.61
CA HIS D 55 23.03 -19.41 -15.99
C HIS D 55 24.22 -19.34 -16.94
N ASN D 56 24.75 -18.14 -17.14
CA ASN D 56 25.90 -17.95 -18.02
C ASN D 56 27.24 -17.87 -17.28
N SER D 57 27.24 -17.52 -16.00
CA SER D 57 28.49 -17.17 -15.33
C SER D 57 29.17 -18.41 -14.72
N ALA D 58 29.60 -19.32 -15.57
CA ALA D 58 30.13 -20.63 -15.15
C ALA D 58 31.46 -20.54 -14.38
N GLU D 59 32.37 -19.72 -14.87
CA GLU D 59 33.67 -19.52 -14.23
C GLU D 59 33.58 -18.88 -12.84
N ALA D 60 32.67 -17.91 -12.66
CA ALA D 60 32.47 -17.26 -11.39
C ALA D 60 31.78 -18.21 -10.37
N ALA D 61 30.84 -19.02 -10.85
CA ALA D 61 30.15 -19.97 -9.98
C ALA D 61 31.14 -21.00 -9.42
N VAL D 62 31.94 -21.59 -10.30
CA VAL D 62 32.92 -22.60 -9.90
C VAL D 62 34.00 -21.99 -8.99
N SER D 63 34.39 -20.75 -9.27
CA SER D 63 35.31 -20.01 -8.41
C SER D 63 34.76 -19.81 -6.99
N LEU D 64 33.47 -19.49 -6.87
CA LEU D 64 32.84 -19.34 -5.56
C LEU D 64 32.75 -20.68 -4.80
N ALA D 65 32.27 -21.72 -5.47
CA ALA D 65 32.16 -23.05 -4.85
C ALA D 65 33.50 -23.50 -4.28
N ASP D 66 34.59 -23.21 -5.01
CA ASP D 66 35.94 -23.57 -4.60
C ASP D 66 36.43 -22.81 -3.36
N GLU D 67 36.18 -21.51 -3.31
CA GLU D 67 36.47 -20.71 -2.12
C GLU D 67 35.72 -21.24 -0.90
N LEU D 68 34.43 -21.50 -1.07
CA LEU D 68 33.62 -21.95 0.06
C LEU D 68 34.04 -23.34 0.52
N ASN D 69 34.27 -24.24 -0.41
CA ASN D 69 34.74 -25.59 -0.04
C ASN D 69 36.13 -25.59 0.63
N LYS D 70 37.00 -24.65 0.24
CA LYS D 70 38.29 -24.45 0.90
C LYS D 70 38.13 -24.12 2.37
N GLU D 71 37.07 -23.38 2.70
CA GLU D 71 36.78 -22.99 4.07
C GLU D 71 36.16 -24.14 4.88
N ARG D 72 35.21 -24.85 4.28
CA ARG D 72 34.63 -26.06 4.89
C ARG D 72 34.38 -27.07 3.78
N SER D 73 35.03 -28.22 3.86
CA SER D 73 34.92 -29.18 2.77
C SER D 73 33.49 -29.70 2.60
N ASN D 74 33.08 -29.91 1.35
CA ASN D 74 31.79 -30.49 0.99
C ASN D 74 30.60 -29.64 1.44
N THR D 75 30.69 -28.32 1.27
CA THR D 75 29.61 -27.42 1.69
C THR D 75 29.05 -26.53 0.57
N ALA D 76 29.50 -26.74 -0.67
CA ALA D 76 29.09 -25.91 -1.80
C ALA D 76 29.06 -26.71 -3.10
N VAL D 77 28.00 -26.56 -3.88
CA VAL D 77 27.95 -27.14 -5.22
C VAL D 77 27.37 -26.12 -6.16
N VAL D 78 27.59 -26.30 -7.47
CA VAL D 78 26.96 -25.47 -8.49
C VAL D 78 25.86 -26.22 -9.25
N CSX D 79 24.95 -25.45 -9.84
CA CSX D 79 23.81 -25.98 -10.61
CB CSX D 79 22.66 -26.21 -9.64
SG CSX D 79 21.27 -26.99 -10.46
C CSX D 79 23.46 -24.99 -11.69
O CSX D 79 23.02 -23.88 -11.40
OD CSX D 79 21.60 -28.66 -11.00
N GLN D 80 23.68 -25.38 -12.94
CA GLN D 80 23.39 -24.50 -14.08
C GLN D 80 21.94 -24.66 -14.55
N ALA D 81 21.26 -23.55 -14.83
CA ALA D 81 19.89 -23.59 -15.38
C ALA D 81 19.41 -22.25 -15.92
N ASP D 82 18.79 -22.30 -17.10
CA ASP D 82 18.07 -21.17 -17.68
C ASP D 82 16.69 -21.11 -17.01
N LEU D 83 16.35 -19.95 -16.46
CA LEU D 83 15.07 -19.74 -15.77
C LEU D 83 14.05 -18.94 -16.61
N THR D 84 14.31 -18.80 -17.91
CA THR D 84 13.33 -18.26 -18.85
C THR D 84 12.08 -19.14 -18.88
N ASN D 85 10.91 -18.54 -19.05
CA ASN D 85 9.66 -19.31 -19.12
C ASN D 85 9.62 -20.16 -20.38
N SER D 86 9.18 -21.40 -20.22
CA SER D 86 9.04 -22.37 -21.30
C SER D 86 8.35 -23.60 -20.73
N ASN D 87 7.97 -24.53 -21.59
CA ASN D 87 7.30 -25.76 -21.14
C ASN D 87 8.22 -26.70 -20.34
N VAL D 88 9.54 -26.44 -20.36
CA VAL D 88 10.50 -27.22 -19.58
CA VAL D 88 10.52 -27.22 -19.60
C VAL D 88 10.95 -26.54 -18.29
N LEU D 89 10.51 -25.30 -18.07
CA LEU D 89 10.93 -24.60 -16.86
C LEU D 89 10.55 -25.35 -15.58
N PRO D 90 9.35 -25.95 -15.52
CA PRO D 90 9.06 -26.74 -14.31
C PRO D 90 10.08 -27.86 -14.02
N ALA D 91 10.52 -28.57 -15.06
CA ALA D 91 11.57 -29.59 -14.92
C ALA D 91 12.88 -28.99 -14.41
N SER D 92 13.30 -27.86 -14.98
CA SER D 92 14.51 -27.17 -14.53
C SER D 92 14.45 -26.77 -13.05
N CYS D 93 13.31 -26.24 -12.63
CA CYS D 93 13.15 -25.82 -11.25
C CYS D 93 13.15 -27.02 -10.32
N GLU D 94 12.48 -28.10 -10.72
CA GLU D 94 12.50 -29.34 -9.95
CA GLU D 94 12.50 -29.35 -9.95
C GLU D 94 13.93 -29.84 -9.76
N GLU D 95 14.72 -29.74 -10.81
CA GLU D 95 16.11 -30.18 -10.80
C GLU D 95 17.01 -29.35 -9.88
N ILE D 96 16.75 -28.05 -9.79
CA ILE D 96 17.54 -27.17 -8.90
C ILE D 96 17.34 -27.63 -7.45
N ILE D 97 16.09 -27.85 -7.05
CA ILE D 97 15.77 -28.35 -5.71
C ILE D 97 16.35 -29.77 -5.51
N ASN D 98 16.14 -30.69 -6.46
CA ASN D 98 16.74 -32.03 -6.40
C ASN D 98 18.26 -32.01 -6.18
N SER D 99 18.95 -31.02 -6.76
CA SER D 99 20.40 -30.91 -6.63
CA SER D 99 20.40 -30.92 -6.62
C SER D 99 20.80 -30.67 -5.17
N CYS D 100 19.98 -29.93 -4.44
CA CYS D 100 20.21 -29.69 -3.03
C CYS D 100 20.06 -30.97 -2.20
N PHE D 101 19.00 -31.73 -2.46
CA PHE D 101 18.78 -33.00 -1.75
C PHE D 101 19.87 -34.01 -2.09
N ARG D 102 20.31 -34.01 -3.34
CA ARG D 102 21.31 -34.95 -3.83
C ARG D 102 22.66 -34.70 -3.12
N ALA D 103 23.08 -33.44 -3.09
CA ALA D 103 24.35 -33.06 -2.44
C ALA D 103 24.29 -33.12 -0.91
N PHE D 104 23.20 -32.64 -0.32
CA PHE D 104 23.16 -32.40 1.12
C PHE D 104 22.07 -33.14 1.91
N GLY D 105 21.16 -33.82 1.23
CA GLY D 105 20.12 -34.62 1.91
C GLY D 105 18.98 -33.80 2.52
N ARG D 106 18.98 -32.50 2.27
CA ARG D 106 17.94 -31.60 2.79
C ARG D 106 17.97 -30.28 2.06
N CYS D 107 16.89 -29.50 2.21
CA CYS D 107 16.83 -28.17 1.64
C CYS D 107 15.97 -27.32 2.57
N ASP D 108 16.62 -26.42 3.28
CA ASP D 108 16.00 -25.66 4.35
C ASP D 108 15.60 -24.25 3.94
N VAL D 109 16.37 -23.69 3.02
CA VAL D 109 16.23 -22.31 2.59
C VAL D 109 16.30 -22.19 1.06
N LEU D 110 15.37 -21.41 0.50
CA LEU D 110 15.40 -21.02 -0.91
C LEU D 110 15.48 -19.52 -1.02
N VAL D 111 16.50 -19.03 -1.74
CA VAL D 111 16.56 -17.59 -2.02
C VAL D 111 16.39 -17.36 -3.51
N ASN D 112 15.30 -16.66 -3.89
CA ASN D 112 14.97 -16.41 -5.31
C ASN D 112 15.53 -15.04 -5.68
N ASN D 113 16.73 -15.04 -6.22
CA ASN D 113 17.51 -13.83 -6.48
C ASN D 113 17.72 -13.55 -7.96
N ALA D 114 17.86 -14.61 -8.78
CA ALA D 114 18.07 -14.45 -10.24
C ALA D 114 17.00 -13.58 -10.89
N SER D 115 17.42 -12.77 -11.86
CA SER D 115 16.54 -11.77 -12.43
C SER D 115 17.06 -11.20 -13.75
N ALA D 116 16.22 -11.18 -14.78
CA ALA D 116 16.51 -10.39 -16.00
C ALA D 116 16.03 -8.97 -15.78
N PHE D 117 16.72 -7.99 -16.37
CA PHE D 117 16.39 -6.60 -16.12
C PHE D 117 16.82 -5.77 -17.31
N TYR D 118 15.85 -5.25 -18.05
CA TYR D 118 16.13 -4.43 -19.24
C TYR D 118 14.80 -3.83 -19.70
N PRO D 119 14.86 -2.71 -20.42
CA PRO D 119 13.62 -2.04 -20.79
C PRO D 119 12.87 -2.73 -21.93
N THR D 120 11.56 -2.53 -21.95
CA THR D 120 10.65 -3.08 -22.94
C THR D 120 9.60 -2.00 -23.20
N PRO D 121 9.96 -0.98 -24.00
CA PRO D 121 9.06 0.16 -24.23
C PRO D 121 7.76 -0.25 -24.94
N LEU D 122 6.67 0.39 -24.54
CA LEU D 122 5.34 0.10 -25.10
C LEU D 122 5.20 0.67 -26.51
N VAL D 123 5.90 1.76 -26.81
CA VAL D 123 5.78 2.44 -28.12
C VAL D 123 7.13 2.56 -28.85
N GLY D 133 17.54 -6.76 -29.89
CA GLY D 133 16.89 -7.37 -31.05
C GLY D 133 16.01 -8.57 -30.72
N LYS D 134 15.63 -8.69 -29.45
CA LYS D 134 14.80 -9.81 -28.97
C LYS D 134 13.35 -9.59 -29.36
N THR D 135 12.65 -10.67 -29.71
CA THR D 135 11.23 -10.60 -29.96
C THR D 135 10.50 -10.32 -28.66
N VAL D 136 9.30 -9.75 -28.75
CA VAL D 136 8.51 -9.50 -27.55
C VAL D 136 8.19 -10.82 -26.83
N GLU D 137 7.99 -11.91 -27.56
CA GLU D 137 7.82 -13.25 -26.97
C GLU D 137 8.96 -13.63 -26.03
N THR D 138 10.18 -13.37 -26.47
CA THR D 138 11.40 -13.66 -25.69
C THR D 138 11.53 -12.75 -24.47
N GLN D 139 11.17 -11.48 -24.63
CA GLN D 139 11.22 -10.53 -23.53
C GLN D 139 10.23 -10.90 -22.44
N VAL D 140 9.03 -11.30 -22.84
CA VAL D 140 8.02 -11.80 -21.88
C VAL D 140 8.56 -13.03 -21.15
N ALA D 141 8.99 -14.01 -21.94
CA ALA D 141 9.59 -15.23 -21.42
C ALA D 141 10.67 -14.96 -20.36
N GLU D 142 11.61 -14.08 -20.66
CA GLU D 142 12.76 -13.83 -19.79
C GLU D 142 12.40 -13.03 -18.57
N LEU D 143 11.72 -11.89 -18.78
CA LEU D 143 11.40 -10.97 -17.68
C LEU D 143 10.35 -11.55 -16.74
N ILE D 144 9.32 -12.17 -17.28
CA ILE D 144 8.28 -12.76 -16.42
C ILE D 144 8.72 -14.14 -15.88
N GLY D 145 9.45 -14.90 -16.70
CA GLY D 145 10.03 -16.18 -16.25
C GLY D 145 10.95 -16.06 -15.04
N THR D 146 12.01 -15.25 -15.17
CA THR D 146 13.02 -15.17 -14.13
C THR D 146 12.50 -14.52 -12.87
N ASN D 147 11.75 -13.43 -13.05
CA ASN D 147 11.32 -12.63 -11.91
C ASN D 147 10.12 -13.20 -11.18
N ALA D 148 9.36 -14.09 -11.81
CA ALA D 148 8.08 -14.51 -11.23
C ALA D 148 7.72 -15.99 -11.38
N ILE D 149 7.74 -16.52 -12.59
CA ILE D 149 7.30 -17.91 -12.84
CA ILE D 149 7.29 -17.92 -12.79
C ILE D 149 8.31 -18.91 -12.24
N ALA D 150 9.59 -18.67 -12.47
CA ALA D 150 10.61 -19.54 -11.86
C ALA D 150 10.51 -19.54 -10.31
N PRO D 151 10.45 -18.35 -9.68
CA PRO D 151 10.16 -18.39 -8.24
C PRO D 151 8.93 -19.20 -7.78
N PHE D 152 7.84 -19.12 -8.52
CA PHE D 152 6.65 -19.92 -8.24
C PHE D 152 6.94 -21.41 -8.30
N LEU D 153 7.56 -21.85 -9.39
CA LEU D 153 7.86 -23.26 -9.62
C LEU D 153 8.91 -23.80 -8.62
N LEU D 154 9.91 -22.99 -8.31
CA LEU D 154 10.89 -23.33 -7.26
C LEU D 154 10.26 -23.47 -5.86
N THR D 155 9.32 -22.59 -5.56
CA THR D 155 8.55 -22.63 -4.33
C THR D 155 7.71 -23.91 -4.27
N MET D 156 7.05 -24.27 -5.37
CA MET D 156 6.27 -25.52 -5.45
CA MET D 156 6.29 -25.54 -5.48
C MET D 156 7.15 -26.77 -5.18
N SER D 157 8.26 -26.87 -5.88
CA SER D 157 9.19 -27.99 -5.74
C SER D 157 9.77 -28.07 -4.33
N PHE D 158 10.17 -26.93 -3.79
CA PHE D 158 10.69 -26.83 -2.41
C PHE D 158 9.67 -27.38 -1.41
N ALA D 159 8.44 -26.90 -1.50
CA ALA D 159 7.38 -27.32 -0.57
C ALA D 159 7.03 -28.79 -0.72
N GLN D 160 6.97 -29.24 -1.95
CA GLN D 160 6.57 -30.62 -2.20
CA GLN D 160 6.60 -30.63 -2.28
C GLN D 160 7.65 -31.62 -1.77
N ARG D 161 8.92 -31.22 -1.79
CA ARG D 161 10.00 -32.08 -1.28
C ARG D 161 10.11 -32.14 0.26
N GLN D 162 9.41 -31.27 0.99
CA GLN D 162 9.46 -31.29 2.46
C GLN D 162 8.53 -32.34 3.07
N SER D 172 13.09 -27.61 12.94
CA SER D 172 13.34 -27.11 11.58
C SER D 172 13.01 -25.60 11.50
N ASN D 173 13.69 -24.89 10.61
CA ASN D 173 13.38 -23.50 10.32
C ASN D 173 13.40 -23.32 8.80
N LEU D 174 12.32 -23.76 8.17
CA LEU D 174 12.19 -23.68 6.70
C LEU D 174 11.73 -22.31 6.29
N SER D 175 12.42 -21.70 5.31
CA SER D 175 11.94 -20.43 4.79
C SER D 175 12.43 -20.12 3.36
N ILE D 176 11.70 -19.23 2.72
CA ILE D 176 11.98 -18.73 1.40
C ILE D 176 12.10 -17.20 1.46
N VAL D 177 13.09 -16.66 0.75
CA VAL D 177 13.25 -15.21 0.66
C VAL D 177 13.28 -14.81 -0.81
N ASN D 178 12.33 -13.97 -1.23
CA ASN D 178 12.28 -13.41 -2.58
C ASN D 178 12.92 -12.03 -2.71
N LEU D 179 13.80 -11.82 -3.67
CA LEU D 179 14.38 -10.50 -3.92
C LEU D 179 13.45 -9.64 -4.81
N CYS D 180 12.84 -8.64 -4.18
CA CYS D 180 11.83 -7.79 -4.80
C CYS D 180 12.48 -6.46 -5.21
N ASP D 181 11.72 -5.36 -5.21
CA ASP D 181 12.21 -4.05 -5.64
C ASP D 181 11.46 -2.96 -4.87
N ALA D 182 12.20 -2.11 -4.14
CA ALA D 182 11.54 -1.07 -3.32
C ALA D 182 10.82 -0.05 -4.19
N MET D 183 11.23 0.06 -5.44
CA MET D 183 10.67 1.05 -6.37
C MET D 183 9.51 0.47 -7.22
N VAL D 184 8.88 -0.57 -6.74
CA VAL D 184 7.89 -1.29 -7.54
C VAL D 184 6.67 -0.38 -7.88
N ASP D 185 6.42 0.63 -7.05
CA ASP D 185 5.30 1.56 -7.28
C ASP D 185 5.76 2.92 -7.82
N GLN D 186 7.05 3.04 -8.11
CA GLN D 186 7.61 4.25 -8.72
C GLN D 186 8.61 3.75 -9.74
N PRO D 187 8.11 3.07 -10.78
CA PRO D 187 9.02 2.33 -11.65
C PRO D 187 9.81 3.19 -12.65
N CSX D 188 10.93 2.65 -13.10
CA CSX D 188 11.68 3.22 -14.23
CB CSX D 188 12.88 2.30 -14.54
SG CSX D 188 13.98 2.27 -13.16
C CSX D 188 10.83 3.24 -15.45
O CSX D 188 10.12 2.29 -15.72
OD CSX D 188 14.56 3.88 -12.77
N MET D 189 10.93 4.32 -16.21
CA MET D 189 10.22 4.48 -17.47
C MET D 189 10.60 3.38 -18.47
N ALA D 190 9.60 2.79 -19.12
CA ALA D 190 9.87 1.79 -20.17
C ALA D 190 10.35 0.41 -19.65
N PHE D 191 10.09 0.13 -18.37
CA PHE D 191 10.39 -1.16 -17.77
C PHE D 191 9.11 -1.90 -17.37
N SER D 192 8.06 -1.87 -18.22
CA SER D 192 6.75 -2.43 -17.85
CA SER D 192 6.75 -2.44 -17.86
C SER D 192 6.83 -3.91 -17.53
N LEU D 193 7.50 -4.70 -18.38
CA LEU D 193 7.54 -6.15 -18.15
C LEU D 193 8.33 -6.53 -16.90
N TYR D 194 9.47 -5.88 -16.68
CA TYR D 194 10.23 -6.08 -15.45
C TYR D 194 9.40 -5.77 -14.19
N ASN D 195 8.71 -4.64 -14.23
CA ASN D 195 7.88 -4.16 -13.13
C ASN D 195 6.71 -5.12 -12.88
N MET D 196 6.09 -5.59 -13.95
CA MET D 196 5.06 -6.64 -13.84
C MET D 196 5.61 -7.89 -13.13
N GLY D 197 6.77 -8.35 -13.56
CA GLY D 197 7.45 -9.48 -12.90
C GLY D 197 7.64 -9.26 -11.39
N LYS D 198 8.15 -8.10 -11.02
CA LYS D 198 8.37 -7.82 -9.59
C LYS D 198 7.09 -7.67 -8.79
N HIS D 199 6.05 -7.08 -9.41
CA HIS D 199 4.74 -7.02 -8.77
C HIS D 199 4.17 -8.43 -8.52
N ALA D 200 4.31 -9.30 -9.51
CA ALA D 200 3.89 -10.71 -9.39
C ALA D 200 4.62 -11.43 -8.25
N LEU D 201 5.89 -11.09 -8.05
CA LEU D 201 6.70 -11.66 -6.97
C LEU D 201 6.23 -11.25 -5.58
N VAL D 202 5.73 -10.02 -5.47
CA VAL D 202 5.05 -9.59 -4.24
C VAL D 202 3.85 -10.49 -3.97
N GLY D 203 3.01 -10.68 -4.98
CA GLY D 203 1.84 -11.57 -4.89
C GLY D 203 2.18 -12.98 -4.49
N LEU D 204 3.23 -13.52 -5.09
CA LEU D 204 3.72 -14.86 -4.75
C LEU D 204 4.14 -14.92 -3.26
N THR D 205 4.95 -13.93 -2.84
CA THR D 205 5.43 -13.88 -1.45
C THR D 205 4.25 -13.96 -0.48
N GLN D 206 3.18 -13.21 -0.77
CA GLN D 206 2.05 -13.17 0.11
C GLN D 206 1.20 -14.45 0.04
N SER D 207 0.91 -14.91 -1.18
CA SER D 207 0.12 -16.14 -1.41
C SER D 207 0.78 -17.39 -0.84
N ALA D 208 2.08 -17.53 -1.10
CA ALA D 208 2.85 -18.66 -0.59
C ALA D 208 3.00 -18.60 0.94
N ALA D 209 3.18 -17.41 1.51
CA ALA D 209 3.23 -17.27 2.97
C ALA D 209 1.95 -17.81 3.59
N LEU D 210 0.80 -17.47 2.99
CA LEU D 210 -0.47 -17.92 3.53
C LEU D 210 -0.63 -19.43 3.39
N GLU D 211 -0.34 -19.96 2.22
CA GLU D 211 -0.60 -21.38 1.91
C GLU D 211 0.39 -22.37 2.58
N LEU D 212 1.64 -21.92 2.75
CA LEU D 212 2.68 -22.76 3.36
C LEU D 212 2.89 -22.63 4.88
N ALA D 213 2.26 -21.63 5.49
CA ALA D 213 2.29 -21.48 6.97
C ALA D 213 1.94 -22.76 7.75
N PRO D 214 0.88 -23.50 7.36
CA PRO D 214 0.55 -24.76 8.06
C PRO D 214 1.64 -25.82 7.99
N TYR D 215 2.53 -25.72 7.02
CA TYR D 215 3.69 -26.64 6.92
C TYR D 215 4.95 -26.11 7.62
N GLY D 216 4.82 -24.98 8.31
CA GLY D 216 5.97 -24.37 8.98
C GLY D 216 6.97 -23.67 8.05
N ILE D 217 6.58 -23.40 6.81
CA ILE D 217 7.48 -22.70 5.87
C ILE D 217 7.13 -21.22 5.81
N ARG D 218 8.10 -20.37 6.14
CA ARG D 218 7.90 -18.91 6.11
C ARG D 218 8.34 -18.37 4.77
N VAL D 219 7.64 -17.35 4.28
CA VAL D 219 7.94 -16.74 2.99
C VAL D 219 7.96 -15.22 3.12
N ASN D 220 9.12 -14.63 2.82
CA ASN D 220 9.31 -13.19 2.97
C ASN D 220 10.09 -12.62 1.79
N GLY D 221 10.21 -11.30 1.78
CA GLY D 221 10.93 -10.59 0.72
C GLY D 221 11.93 -9.56 1.25
N VAL D 222 12.94 -9.29 0.43
CA VAL D 222 13.86 -8.18 0.68
C VAL D 222 13.86 -7.34 -0.58
N ALA D 223 13.68 -6.03 -0.41
CA ALA D 223 13.46 -5.10 -1.51
C ALA D 223 14.54 -4.05 -1.51
N PRO D 224 15.58 -4.24 -2.32
CA PRO D 224 16.57 -3.18 -2.58
C PRO D 224 16.02 -1.97 -3.29
N GLY D 225 16.63 -0.80 -3.05
CA GLY D 225 16.36 0.39 -3.83
C GLY D 225 17.39 0.51 -4.94
N VAL D 226 18.45 1.27 -4.67
CA VAL D 226 19.65 1.25 -5.47
C VAL D 226 20.72 0.48 -4.68
N SER D 227 21.15 -0.65 -5.24
CA SER D 227 22.29 -1.37 -4.72
C SER D 227 23.31 -1.35 -5.86
N LEU D 228 24.02 -2.44 -6.08
CA LEU D 228 25.07 -2.46 -7.12
C LEU D 228 24.45 -2.07 -8.46
N LEU D 229 24.97 -1.00 -9.05
CA LEU D 229 24.38 -0.44 -10.27
C LEU D 229 24.71 -1.30 -11.51
N PRO D 230 23.92 -1.17 -12.58
CA PRO D 230 24.20 -2.02 -13.75
C PRO D 230 25.62 -1.83 -14.25
N VAL D 231 26.25 -2.94 -14.63
CA VAL D 231 27.60 -2.89 -15.21
C VAL D 231 27.66 -1.99 -16.44
N ALA D 232 26.62 -2.09 -17.28
CA ALA D 232 26.52 -1.32 -18.52
C ALA D 232 26.39 0.19 -18.27
N MET D 233 25.78 0.56 -17.15
CA MET D 233 25.50 1.98 -16.87
C MET D 233 26.78 2.83 -16.78
N GLY D 234 26.74 4.02 -17.38
CA GLY D 234 27.87 4.94 -17.37
C GLY D 234 28.06 5.60 -16.02
N GLU D 235 29.23 6.20 -15.79
CA GLU D 235 29.55 6.75 -14.46
C GLU D 235 28.65 7.93 -14.08
N GLU D 236 28.23 8.72 -15.07
CA GLU D 236 27.44 9.91 -14.79
C GLU D 236 26.00 9.57 -14.35
N GLU D 237 25.40 8.56 -14.98
CA GLU D 237 24.09 8.06 -14.55
C GLU D 237 24.17 7.48 -13.14
N LYS D 238 25.21 6.68 -12.89
CA LYS D 238 25.40 6.07 -11.57
C LYS D 238 25.42 7.15 -10.49
N ASP D 239 26.17 8.22 -10.74
CA ASP D 239 26.25 9.33 -9.79
C ASP D 239 24.89 10.01 -9.62
N LYS D 240 24.11 10.07 -10.70
CA LYS D 240 22.76 10.63 -10.68
C LYS D 240 21.88 9.89 -9.67
N TRP D 241 21.96 8.56 -9.70
CA TRP D 241 21.16 7.72 -8.78
C TRP D 241 21.64 7.78 -7.34
N ARG D 242 22.96 7.71 -7.16
CA ARG D 242 23.57 7.83 -5.85
C ARG D 242 23.09 9.09 -5.12
N ARG D 243 23.09 10.22 -5.81
CA ARG D 243 22.70 11.52 -5.22
C ARG D 243 21.23 11.59 -4.77
N LYS D 244 20.40 10.63 -5.19
CA LYS D 244 18.98 10.60 -4.81
C LYS D 244 18.74 9.97 -3.43
N VAL D 245 19.67 9.12 -2.98
CA VAL D 245 19.47 8.37 -1.74
C VAL D 245 19.66 9.26 -0.50
N PRO D 246 18.60 9.47 0.31
CA PRO D 246 18.69 10.30 1.53
C PRO D 246 19.77 9.85 2.51
N LEU D 247 19.87 8.55 2.74
CA LEU D 247 20.79 8.03 3.75
C LEU D 247 22.15 7.75 3.11
N GLY D 248 22.99 8.78 3.05
CA GLY D 248 24.39 8.61 2.66
C GLY D 248 24.71 8.94 1.20
N ARG D 249 23.68 9.22 0.39
CA ARG D 249 23.90 9.56 -1.01
C ARG D 249 24.82 8.53 -1.68
N ARG D 250 24.54 7.27 -1.40
CA ARG D 250 25.30 6.15 -1.94
C ARG D 250 24.35 4.97 -2.06
N GLU D 251 24.75 4.00 -2.89
CA GLU D 251 24.03 2.75 -3.09
C GLU D 251 24.28 1.74 -1.95
N ALA D 252 23.35 0.81 -1.76
CA ALA D 252 23.56 -0.28 -0.82
C ALA D 252 24.70 -1.19 -1.33
N SER D 253 25.56 -1.63 -0.42
CA SER D 253 26.49 -2.70 -0.74
C SER D 253 25.72 -3.99 -0.88
N ALA D 254 26.27 -4.94 -1.62
CA ALA D 254 25.68 -6.29 -1.71
C ALA D 254 25.55 -6.92 -0.33
N GLU D 255 26.53 -6.61 0.53
CA GLU D 255 26.56 -7.15 1.89
C GLU D 255 25.40 -6.60 2.77
N GLN D 256 25.04 -5.34 2.58
CA GLN D 256 23.87 -4.77 3.26
C GLN D 256 22.55 -5.46 2.88
N ILE D 257 22.39 -5.81 1.60
CA ILE D 257 21.24 -6.57 1.15
C ILE D 257 21.25 -7.95 1.78
N ALA D 258 22.41 -8.61 1.74
CA ALA D 258 22.57 -9.95 2.34
C ALA D 258 22.23 -9.99 3.84
N ASP D 259 22.64 -8.96 4.59
CA ASP D 259 22.28 -8.86 6.03
C ASP D 259 20.77 -9.01 6.29
N ALA D 260 19.92 -8.41 5.45
CA ALA D 260 18.48 -8.52 5.63
C ALA D 260 17.95 -9.95 5.34
N VAL D 261 18.54 -10.61 4.34
CA VAL D 261 18.21 -12.02 4.02
C VAL D 261 18.59 -12.93 5.20
N ILE D 262 19.79 -12.71 5.74
CA ILE D 262 20.25 -13.46 6.91
C ILE D 262 19.28 -13.35 8.08
N PHE D 263 18.84 -12.14 8.38
CA PHE D 263 17.87 -11.93 9.43
C PHE D 263 16.59 -12.73 9.19
N LEU D 264 16.03 -12.62 7.99
CA LEU D 264 14.77 -13.31 7.68
C LEU D 264 14.81 -14.87 7.74
N VAL D 265 15.97 -15.45 7.48
CA VAL D 265 16.09 -16.92 7.60
C VAL D 265 16.39 -17.38 9.03
N SER D 266 16.82 -16.43 9.89
CA SER D 266 17.23 -16.72 11.25
C SER D 266 16.08 -17.05 12.21
N GLY D 267 16.48 -17.59 13.36
CA GLY D 267 15.60 -17.76 14.52
C GLY D 267 15.07 -16.49 15.14
N SER D 268 15.61 -15.33 14.76
CA SER D 268 15.09 -14.04 15.21
C SER D 268 13.88 -13.57 14.40
N ALA D 269 13.49 -14.34 13.38
CA ALA D 269 12.38 -14.02 12.50
C ALA D 269 11.33 -15.14 12.46
N GLN D 270 11.27 -16.02 13.47
CA GLN D 270 10.33 -17.17 13.48
C GLN D 270 8.83 -16.83 13.42
N TYR D 271 8.43 -15.59 13.71
CA TYR D 271 7.02 -15.22 13.62
C TYR D 271 6.78 -14.29 12.43
N ILE D 272 7.80 -14.10 11.60
CA ILE D 272 7.67 -13.23 10.44
C ILE D 272 7.39 -14.07 9.19
N THR D 273 6.27 -13.80 8.53
CA THR D 273 5.96 -14.40 7.24
C THR D 273 5.06 -13.46 6.46
N GLY D 274 5.25 -13.44 5.14
CA GLY D 274 4.53 -12.53 4.25
C GLY D 274 5.00 -11.08 4.36
N SER D 275 6.17 -10.85 4.93
CA SER D 275 6.68 -9.47 5.08
CA SER D 275 6.69 -9.47 5.09
C SER D 275 7.77 -9.16 4.07
N ILE D 276 7.84 -7.89 3.65
CA ILE D 276 8.87 -7.45 2.71
C ILE D 276 9.61 -6.28 3.33
N ILE D 277 10.90 -6.48 3.55
CA ILE D 277 11.74 -5.49 4.19
C ILE D 277 12.45 -4.66 3.14
N LYS D 278 12.18 -3.35 3.09
CA LYS D 278 12.90 -2.44 2.17
C LYS D 278 14.28 -2.17 2.72
N VAL D 279 15.27 -2.21 1.85
CA VAL D 279 16.63 -1.91 2.19
C VAL D 279 17.08 -0.87 1.15
N ASP D 280 16.61 0.37 1.32
CA ASP D 280 16.71 1.37 0.26
C ASP D 280 17.25 2.74 0.64
N GLY D 281 17.74 2.91 1.87
CA GLY D 281 18.25 4.20 2.33
C GLY D 281 17.29 5.38 2.22
N GLY D 282 15.99 5.07 2.24
CA GLY D 282 14.93 6.08 2.10
C GLY D 282 14.52 6.49 0.68
N LEU D 283 15.11 5.87 -0.33
CA LEU D 283 14.87 6.27 -1.74
C LEU D 283 13.37 6.30 -2.13
N SER D 284 12.60 5.30 -1.70
CA SER D 284 11.20 5.19 -2.08
C SER D 284 10.32 6.28 -1.43
N LEU D 285 10.87 6.99 -0.44
CA LEU D 285 10.16 8.09 0.21
C LEU D 285 10.32 9.43 -0.49
N VAL D 286 11.20 9.51 -1.51
CA VAL D 286 11.55 10.80 -2.14
C VAL D 286 10.61 11.08 -3.31
N HIS D 287 9.94 12.24 -3.27
CA HIS D 287 9.03 12.65 -4.35
C HIS D 287 9.83 13.10 -5.57
N ALA D 288 9.15 13.19 -6.71
CA ALA D 288 9.78 13.60 -7.98
C ALA D 288 10.41 14.98 -7.89
PA NAP E . -6.23 25.48 1.38
O1A NAP E . -6.50 26.64 0.54
O2A NAP E . -4.81 25.41 1.77
O5B NAP E . -7.16 25.50 2.71
C5B NAP E . -8.55 25.42 2.49
C4B NAP E . -9.30 26.11 3.63
O4B NAP E . -9.01 25.49 4.87
C3B NAP E . -8.89 27.55 3.86
O3B NAP E . -9.50 28.41 2.93
C2B NAP E . -9.31 27.80 5.31
O2B NAP E . -10.49 28.58 5.45
C1B NAP E . -9.45 26.37 5.88
N9A NAP E . -8.69 26.33 7.15
C8A NAP E . -7.34 26.49 7.37
N7A NAP E . -7.11 26.49 8.70
C5A NAP E . -8.30 26.37 9.35
C6A NAP E . -8.67 26.31 10.72
N6A NAP E . -7.82 26.38 11.73
N1A NAP E . -10.01 26.18 11.02
C2A NAP E . -10.97 26.07 10.02
N3A NAP E . -10.60 26.13 8.69
C4A NAP E . -9.29 26.27 8.37
O3 NAP E . -6.72 24.14 0.65
PN NAP E . -6.73 23.75 -0.93
O1N NAP E . -7.93 24.36 -1.53
O2N NAP E . -5.38 24.08 -1.42
O5D NAP E . -6.93 22.17 -0.83
C5D NAP E . -8.14 21.57 -0.45
C4D NAP E . -7.93 20.18 0.17
O4D NAP E . -7.23 19.34 -0.74
C3D NAP E . -7.14 20.19 1.49
O3D NAP E . -7.71 19.26 2.42
C2D NAP E . -5.75 19.82 1.06
O2D NAP E . -4.95 19.24 2.07
C1D NAP E . -6.02 18.89 -0.13
N1N NAP E . -4.90 18.96 -1.06
C2N NAP E . -4.68 20.09 -1.83
C3N NAP E . -3.62 20.10 -2.71
C7N NAP E . -3.33 21.30 -3.55
O7N NAP E . -2.39 21.15 -4.58
N7N NAP E . -3.97 22.44 -3.27
C4N NAP E . -2.76 19.00 -2.82
C5N NAP E . -3.00 17.89 -2.04
C6N NAP E . -4.06 17.87 -1.16
P2B NAP E . -10.49 30.20 5.49
O1X NAP E . -11.94 30.60 5.58
O2X NAP E . -9.88 30.66 4.20
O3X NAP E . -9.67 30.73 6.65
C4 DX4 F . -1.91 20.85 0.58
C5 DX4 F . -1.53 21.87 -0.28
C6 DX4 F . -2.11 23.13 -0.10
C8 DX4 F . -0.44 20.05 -0.79
N1 DX4 F . -2.99 23.35 0.89
N2 DX4 F . -4.21 22.47 2.71
N3 DX4 F . -2.78 21.13 1.54
C2 DX4 F . -3.33 22.33 1.71
N9 DX4 F . -1.22 19.74 0.26
N7 DX4 F . -0.62 21.35 -1.11
S6 DX4 F . -1.67 24.47 -1.16
PA NAP G . -15.39 -14.39 -15.62
O1A NAP G . -16.82 -14.65 -15.80
O2A NAP G . -14.73 -15.34 -14.71
O5B NAP G . -14.54 -14.40 -17.00
C5B NAP G . -14.68 -13.37 -17.93
C4B NAP G . -14.43 -13.92 -19.33
O4B NAP G . -13.04 -14.16 -19.41
C3B NAP G . -15.06 -15.26 -19.69
O3B NAP G . -16.41 -15.12 -20.03
C2B NAP G . -14.14 -15.73 -20.82
O2B NAP G . -14.68 -15.59 -22.13
C1B NAP G . -12.86 -14.87 -20.60
N9A NAP G . -11.73 -15.80 -20.61
C8A NAP G . -11.42 -16.82 -19.73
N7A NAP G . -10.34 -17.48 -20.19
C5A NAP G . -9.96 -16.90 -21.36
C6A NAP G . -8.92 -17.17 -22.27
N6A NAP G . -8.05 -18.17 -22.08
N1A NAP G . -8.82 -16.38 -23.38
C2A NAP G . -9.69 -15.33 -23.62
N3A NAP G . -10.71 -15.06 -22.73
C4A NAP G . -10.83 -15.85 -21.63
O3 NAP G . -15.18 -12.90 -15.08
PN NAP G . -16.08 -11.93 -14.14
O1N NAP G . -17.17 -11.39 -14.96
O2N NAP G . -16.47 -12.66 -12.92
O5D NAP G . -15.05 -10.78 -13.78
C5D NAP G . -14.64 -9.80 -14.70
C4D NAP G . -13.31 -9.20 -14.27
O4D NAP G . -13.39 -8.68 -12.92
C3D NAP G . -12.18 -10.22 -14.31
O3D NAP G . -10.99 -9.60 -14.72
C2D NAP G . -12.09 -10.65 -12.86
O2D NAP G . -10.82 -11.14 -12.45
C1D NAP G . -12.46 -9.36 -12.10
N1N NAP G . -13.01 -9.66 -10.77
C2N NAP G . -14.24 -10.28 -10.69
C3N NAP G . -14.74 -10.59 -9.44
C7N NAP G . -16.09 -11.24 -9.28
O7N NAP G . -16.57 -11.26 -8.00
N7N NAP G . -16.79 -11.73 -10.31
C4N NAP G . -14.02 -10.25 -8.28
C5N NAP G . -12.78 -9.63 -8.39
C6N NAP G . -12.28 -9.31 -9.65
P2B NAP G . -15.62 -16.74 -22.79
O1X NAP G . -15.97 -16.14 -24.14
O2X NAP G . -16.82 -16.90 -21.91
O3X NAP G . -14.88 -18.06 -22.90
C4 DX4 H . -12.36 -13.40 -10.08
C5 DX4 H . -13.57 -14.03 -9.75
C6 DX4 H . -14.30 -14.64 -10.76
C8 DX4 H . -12.73 -13.13 -7.97
N1 DX4 H . -13.80 -14.66 -12.01
N2 DX4 H . -12.15 -14.11 -13.56
N3 DX4 H . -11.91 -13.45 -11.35
C2 DX4 H . -12.63 -14.06 -12.30
N9 DX4 H . -11.87 -12.86 -8.98
N7 DX4 H . -13.78 -13.83 -8.44
S6 DX4 H . -15.86 -15.45 -10.43
PA NAP I . 0.21 -1.85 26.27
O1A NAP I . 0.38 -2.88 27.31
O2A NAP I . -1.21 -1.67 25.81
O5B NAP I . 0.82 -0.41 26.70
C5B NAP I . 2.17 -0.34 27.08
C4B NAP I . 2.40 0.85 28.01
O4B NAP I . 1.96 2.08 27.45
C3B NAP I . 1.59 0.75 29.30
O3B NAP I . 2.10 -0.21 30.17
C2B NAP I . 1.67 2.19 29.79
O2B NAP I . 2.64 2.37 30.80
C1B NAP I . 1.98 3.00 28.53
N9A NAP I . 0.96 4.06 28.46
C8A NAP I . -0.40 3.92 28.24
N7A NAP I . -0.98 5.14 28.34
C5A NAP I . -0.01 6.07 28.64
C6A NAP I . -0.02 7.46 28.83
N6A NAP I . -1.14 8.21 28.79
N1A NAP I . 1.18 8.07 29.11
C2A NAP I . 2.37 7.37 29.20
N3A NAP I . 2.38 6.00 28.99
C4A NAP I . 1.20 5.38 28.73
O3 NAP I . 1.16 -2.20 25.05
PN NAP I . 1.64 -3.63 24.47
O1N NAP I . 2.83 -4.11 25.24
O2N NAP I . 0.45 -4.51 24.30
O5D NAP I . 2.08 -3.16 23.01
C5D NAP I . 3.26 -2.37 22.82
C4D NAP I . 3.22 -1.69 21.45
O4D NAP I . 2.94 -2.61 20.39
C3D NAP I . 2.11 -0.63 21.42
O3D NAP I . 2.57 0.55 20.82
C2D NAP I . 1.02 -1.29 20.60
O2D NAP I . 0.12 -0.36 20.00
C1D NAP I . 1.80 -2.19 19.65
N1N NAP I . 0.98 -3.35 19.28
C2N NAP I . 0.75 -4.34 20.21
C3N NAP I . -0.03 -5.43 19.87
C7N NAP I . -0.33 -6.52 20.86
O7N NAP I . -0.97 -7.66 20.37
N7N NAP I . -0.03 -6.38 22.16
C4N NAP I . -0.58 -5.49 18.60
C5N NAP I . -0.32 -4.49 17.67
C6N NAP I . 0.46 -3.41 18.01
P2B NAP I . 2.27 2.24 32.39
O1X NAP I . 1.87 0.79 32.60
O2X NAP I . 1.13 3.15 32.77
O3X NAP I . 3.53 2.60 33.13
C4 DX4 J . -2.70 -2.62 20.59
C5 DX4 J . -3.06 -3.71 21.36
C6 DX4 J . -2.81 -3.66 22.73
C8 DX4 J . -3.58 -4.13 19.30
N1 DX4 J . -2.24 -2.56 23.27
N2 DX4 J . -1.35 -0.41 23.06
N3 DX4 J . -2.14 -1.53 21.17
C2 DX4 J . -1.90 -1.50 22.50
N9 DX4 J . -3.03 -2.91 19.33
N7 DX4 J . -3.59 -4.64 20.54
S6 DX4 J . -3.23 -5.01 23.75
PA NAP K . 21.61 -9.08 -11.65
O1A NAP K . 23.07 -9.04 -11.58
O2A NAP K . 21.07 -8.08 -12.62
O5B NAP K . 21.10 -10.59 -11.96
C5B NAP K . 21.48 -11.63 -11.09
C4B NAP K . 21.68 -12.91 -11.87
O4B NAP K . 20.46 -13.28 -12.48
C3B NAP K . 22.68 -12.81 -13.03
O3B NAP K . 24.03 -12.92 -12.63
C2B NAP K . 22.21 -13.96 -13.91
O2B NAP K . 23.01 -15.11 -13.75
C1B NAP K . 20.77 -14.26 -13.40
N9A NAP K . 19.92 -14.37 -14.59
C8A NAP K . 19.59 -13.43 -15.55
N7A NAP K . 18.83 -14.03 -16.50
C5A NAP K . 18.68 -15.35 -16.17
C6A NAP K . 18.01 -16.42 -16.76
N6A NAP K . 17.35 -16.30 -17.91
N1A NAP K . 18.07 -17.66 -16.16
C2A NAP K . 18.74 -17.84 -14.95
N3A NAP K . 19.41 -16.78 -14.37
C4A NAP K . 19.38 -15.56 -14.98
O3 NAP K . 21.01 -8.87 -10.19
PN NAP K . 21.47 -7.99 -8.93
O1N NAP K . 22.58 -8.65 -8.21
O2N NAP K . 21.64 -6.62 -9.45
O5D NAP K . 20.18 -8.01 -8.01
C5D NAP K . 19.80 -9.12 -7.23
C4D NAP K . 18.31 -9.11 -7.04
O4D NAP K . 17.87 -7.92 -6.36
C3D NAP K . 17.53 -9.18 -8.36
O3D NAP K . 16.37 -9.96 -8.16
C2D NAP K . 17.11 -7.72 -8.59
O2D NAP K . 15.92 -7.54 -9.35
C1D NAP K . 16.96 -7.19 -7.18
N1N NAP K . 17.23 -5.72 -7.16
C2N NAP K . 18.48 -5.24 -7.41
C3N NAP K . 18.71 -3.86 -7.40
C7N NAP K . 20.07 -3.31 -7.66
O7N NAP K . 20.27 -1.93 -7.50
N7N NAP K . 21.08 -4.12 -8.09
C4N NAP K . 17.64 -2.99 -7.13
C5N NAP K . 16.38 -3.50 -6.87
C6N NAP K . 16.17 -4.87 -6.90
P2B NAP K . 24.32 -15.41 -14.66
O1X NAP K . 24.89 -16.70 -14.18
O2X NAP K . 25.32 -14.27 -14.51
O3X NAP K . 23.94 -15.54 -16.12
C4 DX4 L . 17.19 -4.55 -10.81
C5 DX4 L . 18.42 -3.89 -11.04
C6 DX4 L . 19.49 -4.62 -11.56
C8 DX4 L . 16.98 -2.46 -10.23
N1 DX4 L . 19.32 -5.93 -11.85
N2 DX4 L . 17.97 -7.81 -11.90
N3 DX4 L . 17.08 -5.85 -11.10
C2 DX4 L . 18.13 -6.52 -11.62
N9 DX4 L . 16.33 -3.64 -10.32
N7 DX4 L . 18.24 -2.62 -10.67
S6 DX4 L . 21.06 -3.86 -11.90
#